data_1DID
#
_entry.id   1DID
#
_cell.length_a   106.100
_cell.length_b   106.100
_cell.length_c   153.300
_cell.angle_alpha   90.00
_cell.angle_beta   90.00
_cell.angle_gamma   120.00
#
_symmetry.space_group_name_H-M   'P 31 2 1'
#
loop_
_entity.id
_entity.type
_entity.pdbx_description
1 polymer 'D-XYLOSE ISOMERASE'
2 non-polymer 2,5-DIDEOXY-2,5-IMINO-D-GLUCITOL
3 non-polymer 'MANGANESE (II) ION'
4 water water
#
_entity_poly.entity_id   1
_entity_poly.type   'polypeptide(L)'
_entity_poly.pdbx_seq_one_letter_code
;SVQPTPADHFTFGLWTVGWTGADPFGVATRKNLDPVEAVHKLAELGAYGITFHDNDLIPFDATEAEREKILGDFNQALKD
TGLKVPMVTTNLFSHPVFKDGGFTSNDRSIRRFALAKVLHNIDLAAEMGAETFVMWGGREGSEYDGSKDLAAALDRMREG
VDTAAGYIKDKGYNLRIALEPKPNEPRGDIFLPTVGHGLAFIEQLEHGDIVGLNPETGHEQMAGLNFTHGIAQALWAEKL
FHIDLNGQRGIKYDQDLVFGHGDLTSAFFTVDLLENGFPNGGPKYTGPRHFDYKPSRTDGYDGVWDSAKANMSMYLLLKE
RALAFRADPEVQEAMKTSGVFELGETTLNAGESAADLMNDSASFAGFDAEAAAERNFAFIRLNQLAIEHLLGSR
;
_entity_poly.pdbx_strand_id   A,B
#
loop_
_chem_comp.id
_chem_comp.type
_chem_comp.name
_chem_comp.formula
DIG saccharide 2,5-DIDEOXY-2,5-IMINO-D-GLUCITOL 'C6 H13 N O4'
MN non-polymer 'MANGANESE (II) ION' 'Mn 2'
#
# COMPACT_ATOMS: atom_id res chain seq x y z
N VAL A 2 -18.38 17.74 6.76
CA VAL A 2 -18.05 16.84 7.85
C VAL A 2 -17.42 17.62 8.99
N GLN A 3 -18.20 17.68 10.04
CA GLN A 3 -17.95 18.36 11.31
C GLN A 3 -18.11 17.35 12.45
N PRO A 4 -17.00 17.15 13.16
CA PRO A 4 -16.99 16.20 14.25
C PRO A 4 -17.63 16.79 15.47
N THR A 5 -18.35 15.96 16.16
CA THR A 5 -19.00 16.36 17.42
C THR A 5 -18.61 15.30 18.41
N PRO A 6 -18.54 15.58 19.70
CA PRO A 6 -18.26 14.61 20.77
C PRO A 6 -18.90 13.27 20.65
N ALA A 7 -20.02 12.99 20.07
CA ALA A 7 -20.86 11.91 19.71
C ALA A 7 -20.22 10.81 18.84
N ASP A 8 -19.27 11.24 18.06
CA ASP A 8 -18.36 10.66 17.15
C ASP A 8 -17.29 9.90 17.95
N HIS A 9 -16.92 10.26 19.16
CA HIS A 9 -15.97 9.56 20.00
C HIS A 9 -14.53 9.51 19.51
N PHE A 10 -14.09 10.63 19.02
CA PHE A 10 -12.72 10.83 18.48
C PHE A 10 -11.79 11.07 19.64
N THR A 11 -10.84 10.20 19.92
CA THR A 11 -9.90 10.34 21.03
C THR A 11 -8.52 10.49 20.41
N PHE A 12 -7.66 11.27 21.05
CA PHE A 12 -6.29 11.59 20.64
C PHE A 12 -5.32 11.33 21.81
N GLY A 13 -4.09 10.93 21.46
CA GLY A 13 -3.18 10.67 22.59
C GLY A 13 -2.49 11.97 22.84
N LEU A 14 -2.00 12.25 24.04
CA LEU A 14 -1.21 13.49 24.28
C LEU A 14 0.08 13.55 23.52
N TRP A 15 0.79 12.49 23.24
CA TRP A 15 2.02 12.30 22.53
C TRP A 15 1.87 12.53 21.03
N THR A 16 0.68 12.46 20.48
CA THR A 16 0.35 12.58 19.06
C THR A 16 0.61 14.01 18.68
N VAL A 17 -0.27 14.95 18.99
CA VAL A 17 -0.13 16.40 18.78
C VAL A 17 1.05 17.03 19.51
N GLY A 18 1.55 16.47 20.59
CA GLY A 18 2.67 16.82 21.38
C GLY A 18 3.97 16.30 20.85
N TRP A 19 3.97 15.48 19.80
CA TRP A 19 5.16 14.94 19.18
C TRP A 19 5.97 16.15 18.58
N THR A 20 7.11 16.22 19.13
CA THR A 20 8.19 17.17 18.97
C THR A 20 8.97 17.14 17.73
N GLY A 21 9.03 16.03 16.99
CA GLY A 21 9.76 16.00 15.74
C GLY A 21 11.06 15.28 15.73
N ALA A 22 11.50 14.85 16.88
CA ALA A 22 12.77 14.08 17.00
C ALA A 22 12.54 12.68 16.41
N ASP A 23 13.45 12.34 15.55
CA ASP A 23 13.47 11.01 14.87
C ASP A 23 14.89 10.52 15.11
N PRO A 24 15.23 9.34 14.58
CA PRO A 24 16.56 8.75 14.71
C PRO A 24 17.67 9.53 14.04
N PHE A 25 17.47 10.37 13.04
CA PHE A 25 18.43 11.17 12.32
C PHE A 25 18.38 12.64 12.61
N GLY A 26 17.59 13.14 13.51
CA GLY A 26 17.48 14.53 13.86
C GLY A 26 16.68 14.88 15.08
N VAL A 27 16.98 16.12 15.52
CA VAL A 27 16.35 16.70 16.74
C VAL A 27 14.96 17.25 16.51
N ALA A 28 14.32 17.52 17.61
CA ALA A 28 12.98 18.11 17.63
C ALA A 28 12.86 19.36 16.77
N THR A 29 11.67 19.47 16.15
CA THR A 29 11.47 20.67 15.30
C THR A 29 10.44 21.60 15.88
N ARG A 30 9.75 21.15 16.90
CA ARG A 30 8.70 21.85 17.58
C ARG A 30 9.00 21.86 19.07
N LYS A 31 8.52 22.93 19.70
CA LYS A 31 8.67 23.15 21.15
C LYS A 31 7.68 22.22 21.87
N ASN A 32 7.91 21.85 23.10
CA ASN A 32 7.03 20.99 23.85
C ASN A 32 5.65 21.64 23.95
N LEU A 33 4.59 20.88 23.98
CA LEU A 33 3.26 21.38 24.07
C LEU A 33 2.72 21.24 25.49
N ASP A 34 2.20 22.29 26.10
CA ASP A 34 1.61 22.19 27.43
C ASP A 34 0.38 21.34 27.27
N PRO A 35 0.24 20.36 28.15
CA PRO A 35 -0.93 19.43 28.23
C PRO A 35 -2.25 20.13 28.39
N VAL A 36 -2.30 21.26 29.11
CA VAL A 36 -3.45 22.07 29.35
C VAL A 36 -3.91 22.63 27.99
N GLU A 37 -2.95 23.15 27.25
CA GLU A 37 -3.19 23.66 25.90
C GLU A 37 -3.60 22.56 24.92
N ALA A 38 -3.10 21.34 24.97
CA ALA A 38 -3.53 20.25 24.10
C ALA A 38 -5.01 19.99 24.39
N VAL A 39 -5.41 19.91 25.65
CA VAL A 39 -6.80 19.68 26.07
C VAL A 39 -7.79 20.70 25.47
N HIS A 40 -7.50 21.96 25.67
CA HIS A 40 -8.24 23.13 25.22
C HIS A 40 -8.30 23.09 23.72
N LYS A 41 -7.21 22.98 23.01
CA LYS A 41 -7.20 22.87 21.55
C LYS A 41 -8.00 21.70 21.01
N LEU A 42 -7.80 20.50 21.60
CA LEU A 42 -8.52 19.30 21.15
C LEU A 42 -10.01 19.45 21.39
N ALA A 43 -10.41 20.07 22.48
CA ALA A 43 -11.81 20.35 22.84
C ALA A 43 -12.47 21.26 21.80
N GLU A 44 -11.79 22.32 21.37
CA GLU A 44 -12.26 23.24 20.37
C GLU A 44 -12.40 22.46 19.07
N LEU A 45 -11.55 21.52 18.66
CA LEU A 45 -11.70 20.78 17.43
C LEU A 45 -12.82 19.76 17.47
N GLY A 46 -13.40 19.30 18.51
CA GLY A 46 -14.49 18.30 18.40
C GLY A 46 -14.08 16.98 18.99
N ALA A 47 -12.89 16.92 19.57
CA ALA A 47 -12.45 15.69 20.21
C ALA A 47 -13.45 15.35 21.34
N TYR A 48 -13.59 14.13 21.67
CA TYR A 48 -14.42 13.56 22.71
C TYR A 48 -13.51 13.28 23.91
N GLY A 49 -12.24 12.96 23.70
CA GLY A 49 -11.39 12.65 24.82
C GLY A 49 -9.94 12.59 24.46
N ILE A 50 -9.14 12.41 25.52
CA ILE A 50 -7.68 12.37 25.46
C ILE A 50 -7.13 11.19 26.22
N THR A 51 -6.00 10.70 25.77
CA THR A 51 -5.33 9.52 26.39
C THR A 51 -3.86 9.95 26.54
N PHE A 52 -3.17 9.22 27.42
CA PHE A 52 -1.78 9.52 27.69
C PHE A 52 -1.05 8.33 28.26
N HIS A 53 0.24 8.42 28.32
CA HIS A 53 1.23 7.56 28.90
C HIS A 53 1.53 8.31 30.23
N ASP A 54 1.76 7.62 31.31
CA ASP A 54 2.13 8.21 32.60
C ASP A 54 3.21 9.27 32.40
N ASN A 55 4.33 9.07 31.73
CA ASN A 55 5.39 10.02 31.54
C ASN A 55 5.19 11.14 30.54
N ASP A 56 4.10 11.19 29.82
CA ASP A 56 3.65 12.18 28.89
C ASP A 56 3.14 13.36 29.76
N LEU A 57 2.54 13.02 30.88
CA LEU A 57 1.98 13.93 31.84
C LEU A 57 2.93 14.21 32.98
N ILE A 58 3.28 13.19 33.71
CA ILE A 58 4.15 13.22 34.89
C ILE A 58 5.54 12.69 34.60
N PRO A 59 6.50 13.62 34.68
CA PRO A 59 7.92 13.31 34.45
C PRO A 59 8.37 12.17 35.32
N PHE A 60 9.35 11.40 34.89
CA PHE A 60 9.94 10.23 35.51
C PHE A 60 10.42 10.60 36.91
N ASP A 61 11.18 11.67 37.00
CA ASP A 61 11.69 12.19 38.29
C ASP A 61 10.84 13.24 39.00
N ALA A 62 9.59 13.46 38.73
CA ALA A 62 8.73 14.42 39.38
C ALA A 62 8.68 14.17 40.89
N THR A 63 8.69 15.23 41.68
CA THR A 63 8.54 15.11 43.15
C THR A 63 7.04 14.97 43.38
N GLU A 64 6.59 14.67 44.55
CA GLU A 64 5.18 14.49 44.86
C GLU A 64 4.40 15.78 44.74
N ALA A 65 4.94 16.91 45.15
CA ALA A 65 4.31 18.23 45.09
C ALA A 65 4.06 18.47 43.60
N GLU A 66 5.05 18.33 42.76
CA GLU A 66 4.97 18.46 41.30
C GLU A 66 3.95 17.55 40.65
N ARG A 67 3.85 16.28 41.07
CA ARG A 67 2.89 15.31 40.59
C ARG A 67 1.47 15.78 40.83
N GLU A 68 1.24 16.32 41.99
CA GLU A 68 -0.02 16.88 42.44
C GLU A 68 -0.52 18.11 41.67
N LYS A 69 0.42 18.99 41.39
CA LYS A 69 0.27 20.23 40.67
C LYS A 69 -0.24 19.90 39.26
N ILE A 70 0.58 19.07 38.58
CA ILE A 70 0.30 18.60 37.23
C ILE A 70 -1.06 17.99 37.07
N LEU A 71 -1.44 17.06 37.93
CA LEU A 71 -2.76 16.40 37.93
C LEU A 71 -3.86 17.41 38.17
N GLY A 72 -3.66 18.34 39.08
CA GLY A 72 -4.57 19.44 39.38
C GLY A 72 -4.82 20.25 38.12
N ASP A 73 -3.75 20.65 37.40
CA ASP A 73 -3.89 21.39 36.15
C ASP A 73 -4.64 20.60 35.07
N PHE A 74 -4.27 19.35 34.94
CA PHE A 74 -4.84 18.43 33.94
C PHE A 74 -6.27 18.15 34.30
N ASN A 75 -6.64 17.85 35.52
CA ASN A 75 -8.07 17.66 35.83
C ASN A 75 -8.88 18.94 35.65
N GLN A 76 -8.34 20.11 35.93
CA GLN A 76 -8.95 21.42 35.75
C GLN A 76 -9.31 21.55 34.27
N ALA A 77 -8.33 21.32 33.39
CA ALA A 77 -8.57 21.35 31.92
C ALA A 77 -9.67 20.38 31.55
N LEU A 78 -9.66 19.12 32.01
CA LEU A 78 -10.74 18.20 31.74
C LEU A 78 -12.07 18.75 32.18
N LYS A 79 -12.16 19.21 33.43
CA LYS A 79 -13.39 19.79 33.98
C LYS A 79 -13.84 20.98 33.15
N ASP A 80 -12.93 21.92 32.84
CA ASP A 80 -13.41 23.06 32.03
C ASP A 80 -13.92 22.64 30.66
N THR A 81 -13.24 21.76 29.93
CA THR A 81 -13.68 21.44 28.58
C THR A 81 -14.67 20.33 28.39
N GLY A 82 -14.77 19.43 29.32
CA GLY A 82 -15.67 18.30 29.11
C GLY A 82 -14.96 17.07 28.57
N LEU A 83 -13.68 17.10 28.27
CA LEU A 83 -13.03 15.89 27.73
C LEU A 83 -12.99 14.77 28.75
N LYS A 84 -13.24 13.57 28.25
CA LYS A 84 -13.19 12.28 29.00
C LYS A 84 -11.77 11.77 28.77
N VAL A 85 -11.30 10.80 29.50
CA VAL A 85 -10.03 10.09 29.47
C VAL A 85 -10.42 8.57 29.49
N PRO A 86 -10.66 8.08 28.27
CA PRO A 86 -11.07 6.68 28.11
C PRO A 86 -10.00 5.63 28.24
N MET A 87 -8.70 5.99 27.98
CA MET A 87 -7.59 5.03 28.03
C MET A 87 -6.38 5.64 28.63
N VAL A 88 -5.56 4.91 29.34
CA VAL A 88 -4.28 5.39 29.95
C VAL A 88 -3.30 4.25 29.58
N THR A 89 -2.05 4.51 29.47
CA THR A 89 -0.99 3.58 29.12
C THR A 89 0.29 3.92 29.86
N THR A 90 1.30 3.08 29.89
CA THR A 90 2.53 3.24 30.63
C THR A 90 3.72 3.33 29.68
N ASN A 91 4.69 4.15 30.02
CA ASN A 91 5.87 4.21 29.17
C ASN A 91 6.91 3.25 29.82
N LEU A 92 7.15 2.14 29.13
CA LEU A 92 8.11 1.11 29.47
C LEU A 92 9.16 0.98 28.37
N PHE A 93 9.45 2.13 27.73
CA PHE A 93 10.42 2.12 26.63
C PHE A 93 11.42 3.25 26.61
N SER A 94 11.13 4.42 27.10
CA SER A 94 12.01 5.57 27.03
C SER A 94 13.23 5.65 27.93
N HIS A 95 13.10 5.45 29.21
CA HIS A 95 14.27 5.51 30.11
C HIS A 95 15.23 4.45 29.69
N PRO A 96 16.57 4.64 29.81
CA PRO A 96 17.62 3.70 29.53
C PRO A 96 17.50 2.44 30.30
N VAL A 97 16.84 2.29 31.45
CA VAL A 97 16.60 1.12 32.23
C VAL A 97 15.83 0.06 31.41
N PHE A 98 14.90 0.47 30.56
CA PHE A 98 14.12 -0.44 29.74
C PHE A 98 14.79 -0.82 28.43
N LYS A 99 16.09 -0.71 28.22
CA LYS A 99 16.80 -1.04 26.99
C LYS A 99 16.61 -2.50 26.54
N ASP A 100 16.31 -3.48 27.40
CA ASP A 100 16.05 -4.83 27.06
C ASP A 100 14.59 -5.18 27.42
N GLY A 101 13.78 -4.15 27.64
CA GLY A 101 12.37 -4.47 28.01
C GLY A 101 12.03 -4.13 29.46
N GLY A 102 10.76 -4.24 29.67
CA GLY A 102 10.20 -3.96 31.02
C GLY A 102 9.90 -5.36 31.56
N PHE A 103 8.75 -5.89 31.20
CA PHE A 103 8.29 -7.21 31.64
C PHE A 103 9.20 -8.39 31.27
N THR A 104 9.88 -8.37 30.15
CA THR A 104 10.73 -9.41 29.66
C THR A 104 12.19 -9.03 29.67
N SER A 105 12.60 -8.08 30.48
CA SER A 105 14.02 -7.75 30.62
C SER A 105 14.62 -9.05 31.18
N ASN A 106 15.87 -9.31 30.94
CA ASN A 106 16.76 -10.39 31.33
C ASN A 106 17.11 -10.15 32.81
N ASP A 107 17.26 -8.88 33.18
CA ASP A 107 17.50 -8.47 34.56
C ASP A 107 16.19 -8.56 35.35
N ARG A 108 16.14 -9.35 36.42
CA ARG A 108 14.98 -9.54 37.29
C ARG A 108 14.58 -8.30 38.10
N SER A 109 15.54 -7.47 38.48
CA SER A 109 15.32 -6.27 39.28
C SER A 109 14.57 -5.29 38.39
N ILE A 110 14.96 -5.20 37.11
CA ILE A 110 14.25 -4.36 36.13
C ILE A 110 12.84 -4.82 35.83
N ARG A 111 12.57 -6.13 35.81
CA ARG A 111 11.24 -6.67 35.58
C ARG A 111 10.29 -6.28 36.70
N ARG A 112 10.80 -6.27 37.93
CA ARG A 112 10.13 -5.95 39.21
C ARG A 112 9.75 -4.46 39.23
N PHE A 113 10.73 -3.66 38.84
CA PHE A 113 10.51 -2.21 38.71
C PHE A 113 9.43 -1.95 37.67
N ALA A 114 9.53 -2.57 36.49
CA ALA A 114 8.53 -2.40 35.44
C ALA A 114 7.12 -2.77 35.83
N LEU A 115 6.93 -3.85 36.53
CA LEU A 115 5.59 -4.29 36.99
C LEU A 115 5.06 -3.34 38.07
N ALA A 116 5.91 -2.81 38.95
CA ALA A 116 5.55 -1.82 39.98
C ALA A 116 5.06 -0.52 39.31
N LYS A 117 5.78 -0.03 38.29
CA LYS A 117 5.44 1.14 37.48
C LYS A 117 4.04 0.99 36.86
N VAL A 118 3.72 -0.18 36.33
CA VAL A 118 2.44 -0.59 35.79
C VAL A 118 1.37 -0.61 36.89
N LEU A 119 1.54 -1.26 38.02
CA LEU A 119 0.54 -1.31 39.12
C LEU A 119 0.09 0.06 39.63
N HIS A 120 1.05 0.99 39.83
CA HIS A 120 0.80 2.36 40.27
C HIS A 120 0.02 3.04 39.19
N ASN A 121 0.40 2.88 37.91
CA ASN A 121 -0.28 3.40 36.74
C ASN A 121 -1.72 2.93 36.63
N ILE A 122 -2.10 1.75 37.05
CA ILE A 122 -3.46 1.22 37.11
C ILE A 122 -4.34 2.00 38.09
N ASP A 123 -3.79 2.39 39.23
CA ASP A 123 -4.42 3.23 40.25
C ASP A 123 -4.77 4.57 39.59
N LEU A 124 -3.76 5.17 38.95
CA LEU A 124 -3.91 6.44 38.22
C LEU A 124 -5.05 6.31 37.24
N ALA A 125 -5.00 5.34 36.33
CA ALA A 125 -6.03 5.08 35.31
C ALA A 125 -7.41 4.99 35.90
N ALA A 126 -7.56 4.25 36.96
CA ALA A 126 -8.73 4.04 37.79
C ALA A 126 -9.21 5.40 38.29
N GLU A 127 -8.39 6.24 38.91
CA GLU A 127 -8.83 7.56 39.35
C GLU A 127 -9.13 8.47 38.19
N MET A 128 -8.55 8.41 37.01
CA MET A 128 -8.93 9.22 35.87
C MET A 128 -10.26 8.79 35.28
N GLY A 129 -10.87 7.67 35.56
CA GLY A 129 -12.12 7.19 35.01
C GLY A 129 -11.94 6.48 33.67
N ALA A 130 -10.75 5.98 33.35
CA ALA A 130 -10.51 5.26 32.10
C ALA A 130 -11.18 3.92 32.18
N GLU A 131 -11.67 3.39 31.08
CA GLU A 131 -12.28 2.11 30.82
C GLU A 131 -11.21 1.11 30.36
N THR A 132 -10.22 1.56 29.62
CA THR A 132 -9.14 0.73 29.08
C THR A 132 -7.73 1.16 29.52
N PHE A 133 -6.94 0.13 29.71
CA PHE A 133 -5.52 0.20 30.07
C PHE A 133 -4.72 -0.61 29.00
N VAL A 134 -3.88 0.10 28.25
CA VAL A 134 -3.12 -0.48 27.16
C VAL A 134 -1.69 -0.70 27.55
N MET A 135 -1.19 -1.86 27.12
CA MET A 135 0.18 -2.33 27.22
C MET A 135 0.81 -2.53 25.82
N TRP A 136 1.80 -1.71 25.47
CA TRP A 136 2.56 -1.82 24.24
C TRP A 136 3.94 -2.38 24.70
N GLY A 137 4.33 -3.60 24.39
CA GLY A 137 5.64 -4.15 24.77
C GLY A 137 6.75 -3.75 23.80
N GLY A 138 7.09 -2.51 23.60
CA GLY A 138 8.01 -1.84 22.79
C GLY A 138 9.44 -2.30 22.76
N ARG A 139 9.92 -2.60 23.97
CA ARG A 139 11.30 -3.04 24.14
C ARG A 139 11.38 -4.54 24.41
N GLU A 140 10.29 -5.24 24.38
CA GLU A 140 10.18 -6.68 24.60
C GLU A 140 10.52 -7.39 23.28
N GLY A 141 11.71 -7.97 23.20
CA GLY A 141 12.15 -8.69 22.00
C GLY A 141 13.66 -8.69 21.90
N SER A 142 14.16 -8.75 20.68
CA SER A 142 15.62 -8.83 20.52
C SER A 142 16.08 -8.48 19.12
N GLU A 143 17.37 -8.26 18.99
CA GLU A 143 18.02 -7.99 17.73
C GLU A 143 18.64 -9.24 17.13
N TYR A 144 19.05 -10.17 18.04
CA TYR A 144 19.76 -11.43 17.92
C TYR A 144 19.00 -12.61 18.49
N ASP A 145 19.00 -13.76 17.79
CA ASP A 145 18.22 -14.95 18.24
C ASP A 145 18.68 -15.64 19.51
N GLY A 146 19.96 -15.51 19.87
CA GLY A 146 20.46 -16.07 21.08
C GLY A 146 20.29 -15.19 22.30
N SER A 147 19.81 -13.97 22.22
CA SER A 147 19.63 -13.12 23.40
C SER A 147 18.69 -13.53 24.50
N LYS A 148 17.68 -14.30 24.17
CA LYS A 148 16.61 -14.73 24.92
C LYS A 148 16.33 -16.21 24.81
N ASP A 149 15.67 -16.68 25.84
CA ASP A 149 15.04 -17.94 26.11
C ASP A 149 13.53 -17.49 25.89
N LEU A 150 13.08 -17.95 24.77
CA LEU A 150 11.76 -17.69 24.26
C LEU A 150 10.65 -18.26 25.04
N ALA A 151 10.73 -19.42 25.70
CA ALA A 151 9.63 -19.96 26.53
C ALA A 151 9.64 -19.12 27.82
N ALA A 152 10.84 -18.78 28.32
CA ALA A 152 11.01 -17.96 29.52
C ALA A 152 10.56 -16.53 29.26
N ALA A 153 10.75 -15.93 28.09
CA ALA A 153 10.25 -14.59 27.76
C ALA A 153 8.72 -14.58 27.78
N LEU A 154 8.04 -15.62 27.31
CA LEU A 154 6.57 -15.69 27.33
C LEU A 154 6.04 -15.96 28.73
N ASP A 155 6.75 -16.70 29.58
CA ASP A 155 6.35 -16.94 30.98
C ASP A 155 6.40 -15.59 31.74
N ARG A 156 7.52 -14.88 31.57
CA ARG A 156 7.70 -13.55 32.18
C ARG A 156 6.68 -12.53 31.69
N MET A 157 6.25 -12.54 30.45
CA MET A 157 5.24 -11.69 29.86
C MET A 157 3.90 -12.01 30.53
N ARG A 158 3.56 -13.30 30.62
CA ARG A 158 2.35 -13.81 31.26
C ARG A 158 2.24 -13.42 32.74
N GLU A 159 3.34 -13.54 33.46
CA GLU A 159 3.45 -13.21 34.87
C GLU A 159 2.98 -11.77 35.09
N GLY A 160 3.65 -10.87 34.35
CA GLY A 160 3.36 -9.45 34.36
C GLY A 160 1.92 -9.10 34.10
N VAL A 161 1.32 -9.54 33.01
CA VAL A 161 -0.04 -9.27 32.58
C VAL A 161 -1.02 -9.91 33.54
N ASP A 162 -0.77 -11.10 34.05
CA ASP A 162 -1.67 -11.79 35.03
C ASP A 162 -1.56 -11.11 36.37
N THR A 163 -0.41 -10.66 36.83
CA THR A 163 -0.34 -9.86 38.06
C THR A 163 -1.20 -8.58 37.95
N ALA A 164 -1.13 -7.82 36.90
CA ALA A 164 -1.84 -6.63 36.55
C ALA A 164 -3.34 -6.89 36.44
N ALA A 165 -3.73 -7.98 35.82
CA ALA A 165 -5.12 -8.40 35.66
C ALA A 165 -5.73 -8.83 37.02
N GLY A 166 -4.93 -9.58 37.79
CA GLY A 166 -5.26 -10.06 39.11
C GLY A 166 -5.51 -8.87 40.05
N TYR A 167 -4.63 -7.88 40.05
CA TYR A 167 -4.70 -6.66 40.82
C TYR A 167 -5.98 -5.91 40.45
N ILE A 168 -6.38 -5.72 39.22
CA ILE A 168 -7.60 -5.06 38.79
C ILE A 168 -8.83 -5.64 39.46
N LYS A 169 -8.99 -6.93 39.37
CA LYS A 169 -10.04 -7.76 39.97
C LYS A 169 -9.96 -7.55 41.49
N ASP A 170 -8.82 -7.76 42.14
CA ASP A 170 -8.62 -7.50 43.54
C ASP A 170 -9.17 -6.12 43.93
N LYS A 171 -8.80 -5.00 43.33
CA LYS A 171 -9.29 -3.69 43.64
C LYS A 171 -10.67 -3.38 43.13
N GLY A 172 -11.33 -4.18 42.33
CA GLY A 172 -12.63 -3.94 41.77
C GLY A 172 -12.80 -2.81 40.80
N TYR A 173 -11.73 -2.49 40.06
CA TYR A 173 -11.73 -1.44 39.05
C TYR A 173 -12.47 -1.99 37.84
N ASN A 174 -13.13 -1.08 37.15
CA ASN A 174 -13.92 -1.37 35.92
C ASN A 174 -12.99 -0.94 34.78
N LEU A 175 -11.99 -1.76 34.57
CA LEU A 175 -10.90 -1.66 33.68
C LEU A 175 -10.57 -2.97 32.94
N ARG A 176 -10.29 -2.78 31.67
CA ARG A 176 -9.88 -3.90 30.82
C ARG A 176 -8.48 -3.50 30.30
N ILE A 177 -7.66 -4.53 30.10
CA ILE A 177 -6.31 -4.48 29.59
C ILE A 177 -6.39 -4.82 28.08
N ALA A 178 -5.60 -4.05 27.34
CA ALA A 178 -5.56 -4.24 25.90
C ALA A 178 -4.08 -4.27 25.49
N LEU A 179 -3.70 -5.31 24.75
CA LEU A 179 -2.33 -5.44 24.23
C LEU A 179 -2.22 -4.89 22.80
N GLU A 180 -1.08 -4.24 22.60
CA GLU A 180 -0.79 -3.65 21.31
C GLU A 180 0.44 -4.34 20.67
N PRO A 181 0.16 -5.01 19.55
CA PRO A 181 1.16 -5.71 18.77
C PRO A 181 1.87 -4.71 17.85
N LYS A 182 3.11 -5.05 17.57
CA LYS A 182 4.06 -4.38 16.72
C LYS A 182 5.13 -5.42 16.41
N PRO A 183 5.39 -5.59 15.12
CA PRO A 183 6.36 -6.58 14.65
C PRO A 183 7.82 -6.33 14.94
N ASN A 184 8.27 -5.11 14.84
CA ASN A 184 9.63 -4.63 15.01
C ASN A 184 9.56 -3.12 15.32
N GLU A 185 10.66 -2.54 15.69
CA GLU A 185 10.93 -1.13 15.97
C GLU A 185 10.29 -0.62 17.23
N PRO A 186 11.07 -0.37 18.31
CA PRO A 186 12.52 -0.38 18.26
C PRO A 186 13.31 -1.63 18.34
N ARG A 187 12.81 -2.80 18.54
CA ARG A 187 13.66 -4.00 18.61
C ARG A 187 13.69 -4.55 17.20
N GLY A 188 14.64 -5.40 16.88
CA GLY A 188 14.71 -6.07 15.56
C GLY A 188 13.45 -6.95 15.42
N ASP A 189 13.04 -7.67 16.48
CA ASP A 189 11.89 -8.52 16.53
C ASP A 189 11.20 -8.23 17.86
N ILE A 190 9.93 -7.94 17.83
CA ILE A 190 9.18 -7.71 19.07
C ILE A 190 8.32 -8.97 19.37
N PHE A 191 8.09 -9.31 20.63
CA PHE A 191 7.27 -10.47 20.91
C PHE A 191 5.83 -10.06 20.71
N LEU A 192 4.96 -10.96 20.30
CA LEU A 192 3.51 -10.74 20.02
C LEU A 192 3.48 -9.71 18.92
N PRO A 193 4.03 -10.14 17.77
CA PRO A 193 4.22 -9.20 16.67
C PRO A 193 3.06 -8.80 15.88
N THR A 194 1.93 -9.48 15.93
CA THR A 194 0.75 -9.22 15.13
C THR A 194 -0.49 -9.46 15.91
N VAL A 195 -1.65 -9.06 15.46
CA VAL A 195 -2.95 -9.33 16.09
C VAL A 195 -3.07 -10.83 16.42
N GLY A 196 -2.76 -11.73 15.50
CA GLY A 196 -2.85 -13.14 15.70
C GLY A 196 -2.08 -13.60 16.91
N HIS A 197 -0.83 -13.24 17.10
CA HIS A 197 0.04 -13.62 18.21
C HIS A 197 -0.45 -13.08 19.55
N GLY A 198 -1.05 -11.88 19.57
CA GLY A 198 -1.65 -11.26 20.73
C GLY A 198 -2.85 -12.10 21.22
N LEU A 199 -3.73 -12.42 20.26
CA LEU A 199 -4.90 -13.27 20.53
C LEU A 199 -4.47 -14.63 21.10
N ALA A 200 -3.52 -15.29 20.47
CA ALA A 200 -3.00 -16.58 20.90
C ALA A 200 -2.44 -16.43 22.31
N PHE A 201 -1.61 -15.41 22.62
CA PHE A 201 -1.08 -15.29 23.98
C PHE A 201 -2.16 -15.11 25.04
N ILE A 202 -3.18 -14.28 24.78
CA ILE A 202 -4.29 -14.05 25.68
C ILE A 202 -4.91 -15.32 26.22
N GLU A 203 -5.17 -16.36 25.46
CA GLU A 203 -5.68 -17.64 25.79
C GLU A 203 -4.84 -18.50 26.70
N GLN A 204 -3.67 -18.17 27.16
CA GLN A 204 -2.76 -18.84 28.03
C GLN A 204 -2.72 -18.15 29.40
N LEU A 205 -3.42 -17.04 29.52
CA LEU A 205 -3.46 -16.24 30.74
C LEU A 205 -4.49 -16.79 31.71
N GLU A 206 -4.16 -16.60 32.99
CA GLU A 206 -5.10 -16.96 34.04
C GLU A 206 -6.26 -15.95 33.94
N HIS A 207 -5.94 -14.63 33.82
CA HIS A 207 -7.03 -13.65 33.75
C HIS A 207 -7.34 -13.04 32.42
N GLY A 208 -7.42 -13.84 31.38
CA GLY A 208 -7.68 -13.58 29.99
C GLY A 208 -9.03 -13.02 29.72
N ASP A 209 -10.02 -13.21 30.56
CA ASP A 209 -11.38 -12.69 30.46
C ASP A 209 -11.38 -11.18 30.35
N ILE A 210 -10.53 -10.42 30.99
CA ILE A 210 -10.43 -8.98 30.92
C ILE A 210 -9.24 -8.51 30.09
N VAL A 211 -8.61 -9.35 29.30
CA VAL A 211 -7.45 -8.97 28.49
C VAL A 211 -7.84 -9.08 27.01
N GLY A 212 -7.62 -8.01 26.28
CA GLY A 212 -8.00 -8.00 24.84
C GLY A 212 -6.91 -7.32 24.03
N LEU A 213 -7.30 -6.91 22.84
CA LEU A 213 -6.39 -6.26 21.87
C LEU A 213 -6.67 -4.77 21.59
N ASN A 214 -5.57 -4.16 21.16
CA ASN A 214 -5.45 -2.78 20.69
C ASN A 214 -4.60 -2.78 19.40
N PRO A 215 -5.20 -3.17 18.26
CA PRO A 215 -4.46 -3.25 16.99
C PRO A 215 -4.18 -1.85 16.51
N GLU A 216 -3.09 -1.59 15.84
CA GLU A 216 -2.82 -0.27 15.31
C GLU A 216 -2.71 -0.49 13.81
N THR A 217 -3.34 0.32 12.96
CA THR A 217 -3.34 0.20 11.52
C THR A 217 -2.01 -0.10 10.90
N GLY A 218 -1.06 0.79 11.07
CA GLY A 218 0.27 0.81 10.54
C GLY A 218 1.11 -0.38 10.92
N HIS A 219 0.97 -0.86 12.13
CA HIS A 219 1.69 -2.00 12.68
C HIS A 219 1.36 -3.29 11.98
N GLU A 220 0.10 -3.56 11.67
CA GLU A 220 -0.21 -4.78 10.90
C GLU A 220 0.31 -4.67 9.48
N GLN A 221 0.32 -3.50 8.86
CA GLN A 221 0.81 -3.16 7.55
C GLN A 221 2.31 -3.22 7.46
N MET A 222 3.08 -3.13 8.54
CA MET A 222 4.47 -3.31 8.74
C MET A 222 4.91 -4.79 8.55
N ALA A 223 4.03 -5.78 8.61
CA ALA A 223 4.23 -7.18 8.37
C ALA A 223 3.57 -7.54 7.02
N GLY A 224 3.04 -6.56 6.30
CA GLY A 224 2.31 -6.63 5.06
C GLY A 224 0.92 -7.32 5.29
N LEU A 225 0.30 -7.34 6.44
CA LEU A 225 -0.96 -7.98 6.66
C LEU A 225 -2.11 -7.05 6.32
N ASN A 226 -3.25 -7.63 6.20
CA ASN A 226 -4.52 -6.92 5.90
C ASN A 226 -5.13 -6.52 7.23
N PHE A 227 -5.03 -5.25 7.56
CA PHE A 227 -5.57 -4.65 8.78
C PHE A 227 -7.04 -4.98 8.99
N THR A 228 -7.92 -4.80 8.02
CA THR A 228 -9.33 -5.16 8.09
C THR A 228 -9.53 -6.62 8.49
N HIS A 229 -8.81 -7.58 7.91
CA HIS A 229 -8.85 -9.01 8.26
C HIS A 229 -8.39 -9.24 9.71
N GLY A 230 -7.32 -8.57 10.10
CA GLY A 230 -6.76 -8.68 11.47
C GLY A 230 -7.79 -8.29 12.49
N ILE A 231 -8.35 -7.06 12.33
CA ILE A 231 -9.39 -6.61 13.28
C ILE A 231 -10.66 -7.42 13.19
N ALA A 232 -11.02 -8.05 12.06
CA ALA A 232 -12.18 -8.91 11.92
C ALA A 232 -11.99 -10.15 12.79
N GLN A 233 -10.77 -10.67 12.84
CA GLN A 233 -10.42 -11.84 13.68
C GLN A 233 -10.57 -11.46 15.16
N ALA A 234 -10.11 -10.27 15.58
CA ALA A 234 -10.21 -9.79 16.93
C ALA A 234 -11.70 -9.65 17.33
N LEU A 235 -12.53 -9.10 16.46
CA LEU A 235 -13.97 -8.91 16.63
C LEU A 235 -14.75 -10.21 16.85
N TRP A 236 -14.48 -11.13 15.93
CA TRP A 236 -15.00 -12.47 15.82
C TRP A 236 -14.67 -13.15 17.14
N ALA A 237 -13.49 -13.06 17.73
CA ALA A 237 -13.13 -13.63 19.00
C ALA A 237 -13.58 -12.83 20.23
N GLU A 238 -14.18 -11.71 20.04
CA GLU A 238 -14.69 -10.62 20.84
C GLU A 238 -13.54 -10.02 21.64
N LYS A 239 -12.39 -9.69 21.03
CA LYS A 239 -11.27 -9.19 21.81
C LYS A 239 -10.77 -7.85 21.29
N LEU A 240 -11.64 -7.17 20.54
CA LEU A 240 -11.33 -5.82 20.00
C LEU A 240 -11.75 -4.80 21.09
N PHE A 241 -10.84 -4.51 22.01
CA PHE A 241 -11.12 -3.59 23.13
C PHE A 241 -10.85 -2.14 22.87
N HIS A 242 -10.04 -1.83 21.90
CA HIS A 242 -9.67 -0.47 21.53
C HIS A 242 -8.95 -0.62 20.19
N ILE A 243 -8.68 0.49 19.57
CA ILE A 243 -7.99 0.55 18.26
C ILE A 243 -7.24 1.88 18.15
N ASP A 244 -6.15 1.85 17.40
CA ASP A 244 -5.32 3.01 17.10
C ASP A 244 -5.40 3.10 15.56
N LEU A 245 -5.96 4.18 15.07
CA LEU A 245 -6.10 4.43 13.63
C LEU A 245 -5.01 5.37 13.18
N ASN A 246 -4.38 5.08 12.07
CA ASN A 246 -3.32 5.91 11.45
C ASN A 246 -3.14 5.30 10.04
N GLY A 247 -2.09 5.73 9.39
CA GLY A 247 -1.68 5.36 8.05
C GLY A 247 -0.20 5.02 7.99
N GLN A 248 0.10 4.19 7.04
CA GLN A 248 1.37 3.53 6.71
C GLN A 248 1.40 3.30 5.20
N ARG A 249 2.50 3.76 4.63
CA ARG A 249 2.69 3.62 3.20
C ARG A 249 3.76 2.58 2.97
N GLY A 250 3.56 1.31 3.26
CA GLY A 250 4.46 0.20 3.06
C GLY A 250 5.15 -0.44 4.19
N ILE A 251 5.96 -1.39 3.84
CA ILE A 251 6.80 -2.15 4.81
C ILE A 251 8.08 -1.31 4.96
N LYS A 252 8.13 -0.63 6.09
CA LYS A 252 9.25 0.28 6.41
C LYS A 252 9.00 0.69 7.84
N TYR A 253 9.70 1.66 8.34
CA TYR A 253 9.62 2.20 9.70
C TYR A 253 8.17 2.60 9.98
N ASP A 254 7.78 2.62 11.21
CA ASP A 254 6.45 3.00 11.71
C ASP A 254 6.27 4.51 11.41
N GLN A 255 5.46 4.84 10.45
CA GLN A 255 5.17 6.16 9.95
C GLN A 255 4.17 6.89 10.81
N ASP A 256 3.10 6.22 11.21
CA ASP A 256 2.10 6.92 12.04
C ASP A 256 1.53 8.15 11.34
N LEU A 257 1.11 8.11 10.09
CA LEU A 257 0.57 9.20 9.32
C LEU A 257 -0.87 9.37 9.79
N VAL A 258 -1.51 10.44 9.37
CA VAL A 258 -2.94 10.65 9.69
C VAL A 258 -3.73 9.47 9.11
N PHE A 259 -4.78 9.09 9.80
CA PHE A 259 -5.67 8.03 9.31
C PHE A 259 -6.22 8.45 7.93
N GLY A 260 -6.04 7.59 6.95
CA GLY A 260 -6.44 7.68 5.58
C GLY A 260 -5.34 8.20 4.65
N HIS A 261 -4.20 8.61 5.20
CA HIS A 261 -3.05 9.14 4.46
C HIS A 261 -2.02 8.09 4.02
N GLY A 262 -2.29 6.83 4.29
CA GLY A 262 -1.61 5.63 3.97
C GLY A 262 -2.41 4.85 2.93
N ASP A 263 -2.74 3.60 3.27
CA ASP A 263 -3.50 2.77 2.30
C ASP A 263 -4.98 3.14 2.38
N LEU A 264 -5.49 3.89 1.45
CA LEU A 264 -6.83 4.43 1.34
C LEU A 264 -7.98 3.48 1.19
N THR A 265 -7.85 2.54 0.28
CA THR A 265 -8.86 1.51 0.04
C THR A 265 -8.99 0.72 1.32
N SER A 266 -7.86 0.29 1.94
CA SER A 266 -7.88 -0.44 3.20
C SER A 266 -8.58 0.31 4.30
N ALA A 267 -8.36 1.63 4.44
CA ALA A 267 -8.93 2.60 5.37
C ALA A 267 -10.45 2.60 5.17
N PHE A 268 -10.88 2.67 3.93
CA PHE A 268 -12.24 2.59 3.47
C PHE A 268 -12.86 1.32 4.01
N PHE A 269 -12.35 0.13 3.81
CA PHE A 269 -12.93 -1.09 4.36
C PHE A 269 -12.83 -1.21 5.85
N THR A 270 -11.95 -0.59 6.59
CA THR A 270 -11.84 -0.58 8.06
C THR A 270 -13.05 0.14 8.65
N VAL A 271 -13.34 1.33 8.13
CA VAL A 271 -14.43 2.23 8.44
C VAL A 271 -15.74 1.48 8.18
N ASP A 272 -15.93 0.81 7.07
CA ASP A 272 -17.11 -0.01 6.76
C ASP A 272 -17.32 -1.07 7.83
N LEU A 273 -16.30 -1.79 8.24
CA LEU A 273 -16.26 -2.78 9.27
C LEU A 273 -16.66 -2.05 10.58
N LEU A 274 -16.09 -0.96 10.97
CA LEU A 274 -16.44 -0.29 12.23
C LEU A 274 -17.88 0.28 12.34
N GLU A 275 -18.41 0.84 11.31
CA GLU A 275 -19.69 1.44 11.08
C GLU A 275 -20.78 0.45 10.74
N ASN A 276 -20.66 -0.28 9.66
CA ASN A 276 -21.62 -1.26 9.21
C ASN A 276 -21.48 -2.60 9.85
N GLY A 277 -20.48 -3.01 10.52
CA GLY A 277 -20.38 -4.39 11.08
C GLY A 277 -20.23 -5.36 9.88
N PHE A 278 -20.44 -6.62 10.08
CA PHE A 278 -20.40 -7.74 9.17
C PHE A 278 -21.70 -7.84 8.40
N PRO A 279 -21.60 -8.08 7.08
CA PRO A 279 -22.74 -8.22 6.18
C PRO A 279 -23.85 -9.11 6.68
N ASN A 280 -23.60 -10.27 7.25
CA ASN A 280 -24.45 -11.27 7.80
C ASN A 280 -24.64 -11.00 9.29
N GLY A 281 -24.15 -9.97 9.93
CA GLY A 281 -24.38 -9.79 11.35
C GLY A 281 -23.26 -10.33 12.20
N GLY A 282 -23.13 -9.94 13.42
CA GLY A 282 -22.04 -10.42 14.32
C GLY A 282 -21.73 -9.28 15.27
N PRO A 283 -20.65 -9.41 16.01
CA PRO A 283 -20.29 -8.37 17.00
C PRO A 283 -20.01 -7.06 16.31
N LYS A 284 -20.02 -5.96 17.04
CA LYS A 284 -19.75 -4.61 16.47
C LYS A 284 -18.76 -3.86 17.35
N TYR A 285 -17.85 -3.05 16.81
CA TYR A 285 -16.94 -2.35 17.77
C TYR A 285 -17.62 -1.02 18.18
N THR A 286 -17.77 -0.89 19.49
CA THR A 286 -18.38 0.31 20.05
C THR A 286 -17.46 1.20 20.86
N GLY A 287 -16.18 1.03 20.94
CA GLY A 287 -15.27 1.87 21.69
C GLY A 287 -14.89 3.15 20.91
N PRO A 288 -13.92 3.83 21.53
CA PRO A 288 -13.41 5.06 20.95
C PRO A 288 -12.69 4.75 19.64
N ARG A 289 -12.70 5.76 18.78
CA ARG A 289 -12.01 5.75 17.49
C ARG A 289 -10.81 6.67 17.85
N HIS A 290 -9.72 6.05 18.21
CA HIS A 290 -8.49 6.71 18.66
C HIS A 290 -7.42 6.78 17.57
N PHE A 291 -6.84 7.94 17.41
CA PHE A 291 -5.78 8.24 16.47
C PHE A 291 -4.46 8.28 17.22
N ASP A 292 -3.57 7.38 16.81
CA ASP A 292 -2.16 7.29 17.29
C ASP A 292 -1.32 7.71 16.05
N TYR A 293 -1.05 8.98 15.85
CA TYR A 293 -0.35 9.48 14.67
C TYR A 293 0.66 10.53 15.10
N LYS A 294 1.48 11.00 14.21
CA LYS A 294 2.41 12.05 14.56
C LYS A 294 2.37 13.08 13.43
N PRO A 295 2.16 14.35 13.75
CA PRO A 295 2.17 15.43 12.73
C PRO A 295 3.57 15.41 12.10
N SER A 296 3.69 15.31 10.81
CA SER A 296 5.01 15.21 10.15
C SER A 296 5.92 16.29 10.67
N ARG A 297 7.20 16.04 10.91
CA ARG A 297 8.16 17.03 11.42
C ARG A 297 8.42 18.26 10.62
N THR A 298 8.07 18.35 9.35
CA THR A 298 8.15 19.39 8.38
C THR A 298 7.15 20.52 8.68
N ASP A 299 6.07 20.26 9.32
CA ASP A 299 4.97 21.12 9.70
C ASP A 299 5.17 21.67 11.11
N GLY A 300 4.74 22.89 11.18
CA GLY A 300 4.82 23.72 12.41
C GLY A 300 3.42 23.81 12.94
N TYR A 301 3.25 24.44 14.08
CA TYR A 301 1.99 24.53 14.81
C TYR A 301 0.71 24.71 14.11
N ASP A 302 0.53 25.46 13.05
CA ASP A 302 -0.78 25.41 12.35
C ASP A 302 -1.01 24.02 11.77
N GLY A 303 -0.01 23.32 11.27
CA GLY A 303 0.07 22.00 10.73
C GLY A 303 -0.33 20.96 11.75
N VAL A 304 0.04 21.11 13.03
CA VAL A 304 -0.30 20.26 14.15
C VAL A 304 -1.82 20.26 14.28
N TRP A 305 -2.46 21.40 14.33
CA TRP A 305 -3.97 21.40 14.48
C TRP A 305 -4.70 21.02 13.22
N ASP A 306 -4.15 21.26 12.08
CA ASP A 306 -4.61 20.86 10.76
C ASP A 306 -4.61 19.33 10.65
N SER A 307 -3.51 18.71 11.08
CA SER A 307 -3.34 17.25 11.05
C SER A 307 -4.29 16.56 11.98
N ALA A 308 -4.56 17.14 13.18
CA ALA A 308 -5.52 16.60 14.18
C ALA A 308 -6.92 16.45 13.60
N LYS A 309 -7.33 17.49 12.91
CA LYS A 309 -8.54 17.77 12.16
C LYS A 309 -8.70 16.89 10.95
N ALA A 310 -7.56 16.65 10.28
CA ALA A 310 -7.45 15.79 9.10
C ALA A 310 -7.83 14.40 9.55
N ASN A 311 -7.44 13.83 10.65
CA ASN A 311 -7.89 12.54 11.13
C ASN A 311 -9.41 12.35 11.14
N MET A 312 -10.08 13.30 11.80
CA MET A 312 -11.54 13.35 11.98
C MET A 312 -12.19 13.62 10.61
N SER A 313 -11.70 14.50 9.76
CA SER A 313 -12.28 14.69 8.44
C SER A 313 -12.23 13.38 7.61
N MET A 314 -11.07 12.74 7.51
CA MET A 314 -10.87 11.49 6.80
C MET A 314 -11.89 10.42 7.29
N TYR A 315 -11.97 10.22 8.58
CA TYR A 315 -12.93 9.26 9.15
C TYR A 315 -14.36 9.56 8.73
N LEU A 316 -14.84 10.78 8.89
CA LEU A 316 -16.18 11.20 8.52
C LEU A 316 -16.41 11.08 7.03
N LEU A 317 -15.51 11.51 6.15
CA LEU A 317 -15.59 11.34 4.70
C LEU A 317 -15.70 9.85 4.29
N LEU A 318 -14.91 8.95 4.93
CA LEU A 318 -14.94 7.51 4.68
C LEU A 318 -16.26 6.90 5.10
N LYS A 319 -16.74 7.35 6.25
CA LYS A 319 -18.00 6.91 6.86
C LYS A 319 -19.23 7.18 5.97
N GLU A 320 -19.27 8.38 5.43
CA GLU A 320 -20.32 8.83 4.49
C GLU A 320 -20.38 7.88 3.32
N ARG A 321 -19.28 7.63 2.64
CA ARG A 321 -19.06 6.75 1.49
C ARG A 321 -19.35 5.30 1.79
N ALA A 322 -18.90 4.80 2.91
CA ALA A 322 -19.16 3.43 3.36
C ALA A 322 -20.64 3.16 3.66
N LEU A 323 -21.36 4.16 4.19
CA LEU A 323 -22.80 4.09 4.48
C LEU A 323 -23.53 4.12 3.14
N ALA A 324 -23.13 5.00 2.25
CA ALA A 324 -23.72 5.09 0.91
C ALA A 324 -23.51 3.76 0.19
N PHE A 325 -22.30 3.23 0.25
CA PHE A 325 -21.89 1.99 -0.38
C PHE A 325 -22.82 0.83 0.00
N ARG A 326 -23.05 0.55 1.25
CA ARG A 326 -23.91 -0.52 1.67
C ARG A 326 -25.38 -0.29 1.44
N ALA A 327 -25.88 0.90 1.32
CA ALA A 327 -27.23 1.32 1.09
C ALA A 327 -27.62 1.21 -0.39
N ASP A 328 -26.65 1.23 -1.27
CA ASP A 328 -26.91 1.11 -2.69
C ASP A 328 -27.46 -0.26 -3.08
N PRO A 329 -28.63 -0.15 -3.74
CA PRO A 329 -29.34 -1.36 -4.23
C PRO A 329 -28.51 -2.21 -5.15
N GLU A 330 -27.73 -1.62 -6.06
CA GLU A 330 -26.78 -2.09 -7.04
C GLU A 330 -25.70 -2.92 -6.35
N VAL A 331 -25.16 -2.40 -5.26
CA VAL A 331 -24.15 -3.00 -4.40
C VAL A 331 -24.73 -4.21 -3.69
N GLN A 332 -25.94 -4.09 -3.17
CA GLN A 332 -26.63 -5.20 -2.48
C GLN A 332 -26.87 -6.39 -3.43
N GLU A 333 -27.16 -6.15 -4.69
CA GLU A 333 -27.36 -7.09 -5.78
C GLU A 333 -26.04 -7.80 -6.12
N ALA A 334 -24.95 -7.03 -6.25
CA ALA A 334 -23.58 -7.46 -6.54
C ALA A 334 -23.12 -8.45 -5.46
N MET A 335 -23.33 -8.12 -4.20
CA MET A 335 -23.08 -8.86 -2.99
C MET A 335 -23.75 -10.23 -3.01
N LYS A 336 -25.02 -10.24 -3.42
CA LYS A 336 -25.85 -11.42 -3.57
C LYS A 336 -25.25 -12.37 -4.60
N THR A 337 -25.03 -11.91 -5.80
CA THR A 337 -24.40 -12.62 -6.88
C THR A 337 -23.06 -13.26 -6.54
N SER A 338 -22.17 -12.60 -5.83
CA SER A 338 -20.84 -13.00 -5.38
C SER A 338 -20.92 -13.99 -4.23
N GLY A 339 -22.03 -14.26 -3.61
CA GLY A 339 -22.24 -15.18 -2.56
C GLY A 339 -21.80 -14.64 -1.24
N VAL A 340 -21.84 -13.35 -0.97
CA VAL A 340 -21.45 -12.80 0.36
C VAL A 340 -22.45 -13.27 1.41
N PHE A 341 -23.72 -13.23 1.02
CA PHE A 341 -24.81 -13.70 1.89
C PHE A 341 -24.72 -15.20 1.91
N GLU A 342 -24.46 -15.99 0.82
CA GLU A 342 -24.35 -17.44 0.96
C GLU A 342 -23.21 -17.88 1.90
N LEU A 343 -22.10 -17.12 2.05
CA LEU A 343 -21.13 -17.52 3.05
C LEU A 343 -21.72 -17.65 4.43
N GLY A 344 -22.73 -16.95 4.91
CA GLY A 344 -23.45 -16.96 6.14
C GLY A 344 -24.24 -18.20 6.47
N GLU A 345 -24.59 -19.04 5.55
CA GLU A 345 -25.31 -20.29 5.69
C GLU A 345 -24.38 -21.40 6.15
N THR A 346 -24.74 -22.19 7.11
CA THR A 346 -23.92 -23.29 7.60
C THR A 346 -23.70 -24.27 6.43
N THR A 347 -22.54 -24.91 6.48
CA THR A 347 -22.19 -25.86 5.40
C THR A 347 -23.08 -27.10 5.52
N LEU A 348 -23.19 -27.65 6.70
CA LEU A 348 -24.01 -28.80 7.00
C LEU A 348 -25.49 -28.42 7.21
N ASN A 349 -26.39 -29.37 6.98
CA ASN A 349 -27.84 -29.18 7.25
C ASN A 349 -28.05 -29.41 8.74
N ALA A 350 -29.20 -28.95 9.22
CA ALA A 350 -29.57 -29.09 10.67
C ALA A 350 -29.59 -30.58 10.98
N GLY A 351 -28.82 -30.92 11.98
CA GLY A 351 -28.65 -32.31 12.40
C GLY A 351 -28.24 -33.16 11.19
N GLU A 352 -27.09 -32.85 10.63
CA GLU A 352 -26.49 -33.60 9.51
C GLU A 352 -25.14 -33.95 10.16
N SER A 353 -24.68 -35.17 10.10
CA SER A 353 -23.35 -35.46 10.72
C SER A 353 -22.35 -35.54 9.54
N ALA A 354 -21.12 -35.80 9.96
CA ALA A 354 -19.96 -35.98 9.10
C ALA A 354 -20.27 -37.12 8.14
N ALA A 355 -20.55 -38.28 8.70
CA ALA A 355 -20.92 -39.55 8.08
C ALA A 355 -22.07 -39.38 7.11
N ASP A 356 -23.10 -38.64 7.51
CA ASP A 356 -24.25 -38.28 6.69
C ASP A 356 -23.78 -37.52 5.46
N LEU A 357 -22.87 -36.57 5.59
CA LEU A 357 -22.31 -35.79 4.48
C LEU A 357 -21.46 -36.66 3.58
N MET A 358 -20.59 -37.49 4.12
CA MET A 358 -19.71 -38.39 3.37
C MET A 358 -20.49 -39.37 2.48
N ASN A 359 -21.62 -39.89 2.87
CA ASN A 359 -22.39 -40.78 2.00
C ASN A 359 -23.35 -39.90 1.19
N ASP A 360 -23.69 -38.68 1.49
CA ASP A 360 -24.60 -37.94 0.57
C ASP A 360 -23.80 -37.84 -0.75
N SER A 361 -24.35 -38.47 -1.74
CA SER A 361 -23.88 -38.65 -3.10
C SER A 361 -23.92 -37.41 -3.95
N ALA A 362 -24.79 -36.48 -3.59
CA ALA A 362 -24.97 -35.19 -4.24
C ALA A 362 -23.83 -34.21 -3.95
N SER A 363 -23.25 -34.32 -2.78
CA SER A 363 -22.18 -33.60 -2.14
C SER A 363 -20.78 -34.09 -2.46
N PHE A 364 -20.68 -35.31 -2.93
CA PHE A 364 -19.38 -35.92 -3.23
C PHE A 364 -19.35 -36.84 -4.43
N ALA A 365 -19.75 -38.06 -4.27
CA ALA A 365 -19.82 -39.13 -5.26
C ALA A 365 -20.36 -38.66 -6.60
N GLY A 366 -21.49 -38.04 -6.69
CA GLY A 366 -22.01 -37.55 -7.96
C GLY A 366 -22.05 -36.04 -8.00
N PHE A 367 -21.15 -35.37 -7.30
CA PHE A 367 -21.11 -33.89 -7.34
C PHE A 367 -20.39 -33.51 -8.65
N ASP A 368 -20.98 -32.62 -9.44
CA ASP A 368 -20.36 -32.18 -10.66
C ASP A 368 -19.46 -30.94 -10.40
N ALA A 369 -18.22 -31.29 -10.13
CA ALA A 369 -17.09 -30.41 -9.86
C ALA A 369 -16.85 -29.48 -11.02
N GLU A 370 -16.83 -29.98 -12.24
CA GLU A 370 -16.61 -29.12 -13.40
C GLU A 370 -17.82 -28.24 -13.61
N ALA A 371 -19.08 -28.58 -13.34
CA ALA A 371 -20.18 -27.62 -13.56
C ALA A 371 -20.14 -26.57 -12.44
N ALA A 372 -19.87 -27.01 -11.20
CA ALA A 372 -19.73 -26.06 -10.08
C ALA A 372 -18.61 -25.06 -10.30
N ALA A 373 -17.47 -25.28 -10.94
CA ALA A 373 -16.35 -24.44 -11.21
C ALA A 373 -16.62 -23.31 -12.17
N GLU A 374 -17.70 -23.40 -12.90
CA GLU A 374 -18.21 -22.46 -13.87
C GLU A 374 -18.76 -21.23 -13.20
N ARG A 375 -19.19 -21.19 -11.96
CA ARG A 375 -19.68 -19.97 -11.35
C ARG A 375 -18.77 -18.74 -11.52
N ASN A 376 -19.32 -17.65 -11.94
CA ASN A 376 -18.69 -16.36 -12.09
C ASN A 376 -18.98 -15.66 -10.73
N PHE A 377 -17.91 -15.58 -9.93
CA PHE A 377 -18.05 -14.92 -8.59
C PHE A 377 -18.18 -13.44 -8.85
N ALA A 378 -17.63 -12.80 -9.89
CA ALA A 378 -17.83 -11.39 -10.13
C ALA A 378 -17.36 -10.54 -8.96
N PHE A 379 -16.13 -10.86 -8.52
CA PHE A 379 -15.51 -10.15 -7.40
C PHE A 379 -14.87 -8.86 -7.90
N ILE A 380 -14.46 -8.76 -9.12
CA ILE A 380 -13.86 -7.58 -9.72
C ILE A 380 -14.90 -6.48 -9.78
N ARG A 381 -16.09 -6.74 -10.32
CA ARG A 381 -17.24 -5.85 -10.40
C ARG A 381 -17.60 -5.38 -9.00
N LEU A 382 -17.71 -6.21 -8.01
CA LEU A 382 -17.96 -5.83 -6.63
C LEU A 382 -16.86 -4.86 -6.20
N ASN A 383 -15.57 -5.07 -6.46
CA ASN A 383 -14.53 -4.15 -6.05
C ASN A 383 -14.63 -2.80 -6.74
N GLN A 384 -14.95 -2.80 -8.01
CA GLN A 384 -15.14 -1.59 -8.86
C GLN A 384 -16.26 -0.75 -8.25
N LEU A 385 -17.39 -1.38 -7.88
CA LEU A 385 -18.50 -0.67 -7.23
C LEU A 385 -17.99 -0.02 -5.94
N ALA A 386 -17.29 -0.75 -5.07
CA ALA A 386 -16.74 -0.21 -3.83
C ALA A 386 -15.88 1.02 -4.13
N ILE A 387 -14.91 0.93 -5.06
CA ILE A 387 -14.05 2.05 -5.39
C ILE A 387 -14.85 3.22 -5.96
N GLU A 388 -15.90 2.99 -6.73
CA GLU A 388 -16.71 4.10 -7.27
C GLU A 388 -17.42 4.82 -6.12
N HIS A 389 -17.90 4.19 -5.08
CA HIS A 389 -18.49 4.80 -3.91
C HIS A 389 -17.43 5.63 -3.20
N LEU A 390 -16.27 5.04 -2.94
CA LEU A 390 -15.12 5.71 -2.35
C LEU A 390 -14.70 6.97 -3.08
N LEU A 391 -14.68 7.03 -4.40
CA LEU A 391 -14.32 8.15 -5.21
C LEU A 391 -15.49 9.14 -5.34
N GLY A 392 -16.62 8.90 -4.80
CA GLY A 392 -17.85 9.60 -4.74
C GLY A 392 -18.34 9.91 -6.13
N SER A 393 -18.35 8.93 -6.98
CA SER A 393 -18.73 9.04 -8.37
C SER A 393 -20.07 8.33 -8.52
N ARG A 394 -20.56 7.75 -7.48
CA ARG A 394 -21.82 7.09 -7.35
C ARG A 394 -22.37 7.79 -6.08
N VAL B 2 -18.09 8.85 -17.81
CA VAL B 2 -16.71 8.80 -18.31
C VAL B 2 -16.69 8.42 -19.78
N GLN B 3 -16.75 7.16 -20.10
CA GLN B 3 -16.71 6.58 -21.44
C GLN B 3 -15.43 6.90 -22.21
N PRO B 4 -14.60 5.85 -22.42
CA PRO B 4 -13.34 6.01 -23.17
C PRO B 4 -13.55 6.04 -24.67
N THR B 5 -12.67 6.69 -25.37
CA THR B 5 -12.69 6.77 -26.83
C THR B 5 -11.25 6.51 -27.23
N PRO B 6 -11.00 6.22 -28.53
CA PRO B 6 -9.67 5.98 -29.06
C PRO B 6 -8.70 7.07 -28.82
N ALA B 7 -9.05 8.35 -28.68
CA ALA B 7 -8.19 9.50 -28.44
C ALA B 7 -7.49 9.52 -27.11
N ASP B 8 -7.99 8.76 -26.15
CA ASP B 8 -7.52 8.46 -24.82
C ASP B 8 -6.28 7.57 -24.92
N HIS B 9 -6.02 6.81 -25.95
CA HIS B 9 -4.87 5.97 -26.17
C HIS B 9 -4.73 4.78 -25.20
N PHE B 10 -5.81 4.13 -24.90
CA PHE B 10 -5.93 2.95 -24.04
C PHE B 10 -5.61 1.69 -24.82
N THR B 11 -4.52 1.02 -24.46
CA THR B 11 -4.01 -0.18 -25.14
C THR B 11 -4.00 -1.32 -24.13
N PHE B 12 -4.28 -2.55 -24.53
CA PHE B 12 -4.35 -3.77 -23.74
C PHE B 12 -3.53 -4.83 -24.49
N GLY B 13 -2.92 -5.72 -23.73
CA GLY B 13 -2.15 -6.86 -24.28
C GLY B 13 -3.15 -8.03 -24.41
N LEU B 14 -2.87 -8.83 -25.42
CA LEU B 14 -3.63 -10.06 -25.70
C LEU B 14 -3.64 -11.05 -24.55
N TRP B 15 -2.56 -11.20 -23.80
CA TRP B 15 -2.28 -12.00 -22.68
C TRP B 15 -3.03 -11.56 -21.41
N THR B 16 -3.51 -10.35 -21.32
CA THR B 16 -4.25 -9.79 -20.20
C THR B 16 -5.61 -10.43 -20.17
N VAL B 17 -6.47 -10.06 -21.10
CA VAL B 17 -7.86 -10.57 -21.24
C VAL B 17 -7.89 -12.03 -21.61
N GLY B 18 -6.89 -12.54 -22.32
CA GLY B 18 -6.65 -13.90 -22.69
C GLY B 18 -6.12 -14.68 -21.51
N TRP B 19 -5.74 -14.15 -20.34
CA TRP B 19 -5.24 -14.89 -19.19
C TRP B 19 -6.39 -15.79 -18.66
N THR B 20 -6.12 -17.02 -18.78
CA THR B 20 -6.95 -18.20 -18.49
C THR B 20 -7.02 -18.64 -17.07
N GLY B 21 -6.12 -18.13 -16.20
CA GLY B 21 -6.16 -18.47 -14.80
C GLY B 21 -5.25 -19.51 -14.27
N ALA B 22 -4.33 -20.02 -15.01
CA ALA B 22 -3.42 -21.07 -14.44
C ALA B 22 -2.44 -20.32 -13.56
N ASP B 23 -2.35 -20.70 -12.34
CA ASP B 23 -1.36 -19.99 -11.43
C ASP B 23 -0.49 -21.13 -11.00
N PRO B 24 0.46 -20.94 -10.10
CA PRO B 24 1.36 -22.00 -9.60
C PRO B 24 0.70 -23.06 -8.73
N PHE B 25 -0.46 -22.78 -8.15
CA PHE B 25 -1.22 -23.69 -7.32
C PHE B 25 -2.41 -24.36 -8.00
N GLY B 26 -2.75 -24.06 -9.23
CA GLY B 26 -3.86 -24.62 -9.99
C GLY B 26 -3.96 -24.30 -11.46
N VAL B 27 -4.80 -25.03 -12.16
CA VAL B 27 -5.09 -25.01 -13.58
C VAL B 27 -6.02 -23.84 -13.95
N ALA B 28 -6.12 -23.60 -15.24
CA ALA B 28 -6.94 -22.56 -15.86
C ALA B 28 -8.40 -22.68 -15.39
N THR B 29 -9.04 -21.52 -15.27
CA THR B 29 -10.46 -21.55 -14.83
C THR B 29 -11.30 -21.08 -15.98
N ARG B 30 -10.75 -20.57 -17.05
CA ARG B 30 -11.49 -20.08 -18.22
C ARG B 30 -10.92 -20.77 -19.47
N LYS B 31 -11.75 -20.77 -20.50
CA LYS B 31 -11.44 -21.34 -21.81
C LYS B 31 -10.55 -20.35 -22.55
N ASN B 32 -9.78 -20.82 -23.50
CA ASN B 32 -8.88 -19.99 -24.30
C ASN B 32 -9.67 -18.92 -25.02
N LEU B 33 -9.10 -17.78 -25.23
CA LEU B 33 -9.79 -16.67 -25.92
C LEU B 33 -9.27 -16.58 -27.36
N ASP B 34 -10.14 -16.50 -28.35
CA ASP B 34 -9.59 -16.39 -29.72
C ASP B 34 -9.21 -14.94 -29.86
N PRO B 35 -8.05 -14.75 -30.50
CA PRO B 35 -7.45 -13.45 -30.78
C PRO B 35 -8.30 -12.54 -31.64
N VAL B 36 -9.07 -13.11 -32.57
CA VAL B 36 -9.99 -12.34 -33.42
C VAL B 36 -11.16 -11.89 -32.53
N GLU B 37 -11.68 -12.67 -31.62
CA GLU B 37 -12.71 -12.32 -30.66
C GLU B 37 -12.26 -11.13 -29.77
N ALA B 38 -11.01 -11.21 -29.28
CA ALA B 38 -10.25 -10.27 -28.49
C ALA B 38 -10.25 -8.87 -29.12
N VAL B 39 -9.83 -8.79 -30.37
CA VAL B 39 -9.76 -7.56 -31.13
C VAL B 39 -11.14 -6.91 -31.28
N HIS B 40 -12.15 -7.68 -31.66
CA HIS B 40 -13.50 -7.19 -31.86
C HIS B 40 -14.01 -6.68 -30.52
N LYS B 41 -13.93 -7.49 -29.48
CA LYS B 41 -14.35 -7.08 -28.16
C LYS B 41 -13.66 -5.84 -27.62
N LEU B 42 -12.36 -5.65 -27.72
CA LEU B 42 -11.64 -4.48 -27.21
C LEU B 42 -12.03 -3.25 -27.98
N ALA B 43 -12.17 -3.36 -29.30
CA ALA B 43 -12.57 -2.27 -30.22
C ALA B 43 -13.96 -1.81 -29.84
N GLU B 44 -14.92 -2.69 -29.50
CA GLU B 44 -16.25 -2.36 -29.05
C GLU B 44 -16.18 -1.61 -27.73
N LEU B 45 -15.20 -1.84 -26.85
CA LEU B 45 -15.00 -1.21 -25.59
C LEU B 45 -14.40 0.17 -25.65
N GLY B 46 -13.79 0.62 -26.73
CA GLY B 46 -13.20 1.94 -26.72
C GLY B 46 -11.70 1.95 -26.79
N ALA B 47 -11.10 0.76 -26.80
CA ALA B 47 -9.67 0.62 -26.92
C ALA B 47 -9.15 1.22 -28.24
N TYR B 48 -7.91 1.61 -28.10
CA TYR B 48 -7.24 2.18 -29.26
C TYR B 48 -6.35 1.18 -29.96
N GLY B 49 -5.78 0.25 -29.20
CA GLY B 49 -4.79 -0.69 -29.74
C GLY B 49 -4.69 -1.93 -28.90
N ILE B 50 -3.96 -2.87 -29.43
CA ILE B 50 -3.79 -4.19 -28.80
C ILE B 50 -2.31 -4.50 -28.86
N THR B 51 -1.78 -5.20 -27.87
CA THR B 51 -0.31 -5.51 -27.94
C THR B 51 -0.25 -7.02 -27.83
N PHE B 52 0.89 -7.62 -28.07
CA PHE B 52 1.02 -9.08 -27.96
C PHE B 52 2.51 -9.44 -27.93
N HIS B 53 2.69 -10.63 -27.41
CA HIS B 53 3.97 -11.34 -27.36
C HIS B 53 3.86 -12.27 -28.63
N ASP B 54 4.95 -12.46 -29.33
CA ASP B 54 5.01 -13.38 -30.50
C ASP B 54 4.26 -14.66 -30.21
N ASN B 55 4.52 -15.45 -29.16
CA ASN B 55 3.78 -16.67 -28.84
C ASN B 55 2.38 -16.47 -28.34
N ASP B 56 1.83 -15.26 -28.16
CA ASP B 56 0.44 -15.03 -27.75
C ASP B 56 -0.36 -15.27 -29.06
N LEU B 57 0.20 -14.91 -30.20
CA LEU B 57 -0.46 -15.09 -31.47
C LEU B 57 -0.03 -16.36 -32.20
N ILE B 58 1.27 -16.52 -32.36
CA ILE B 58 1.94 -17.59 -33.07
C ILE B 58 2.59 -18.57 -32.11
N PRO B 59 2.03 -19.76 -32.16
CA PRO B 59 2.51 -20.86 -31.30
C PRO B 59 3.96 -21.08 -31.57
N PHE B 60 4.69 -21.61 -30.62
CA PHE B 60 6.12 -21.93 -30.70
C PHE B 60 6.41 -22.94 -31.83
N ASP B 61 5.59 -23.92 -32.04
CA ASP B 61 5.56 -25.00 -32.97
C ASP B 61 5.08 -24.65 -34.37
N ALA B 62 4.15 -23.75 -34.54
CA ALA B 62 3.62 -23.33 -35.84
C ALA B 62 4.66 -23.33 -36.96
N THR B 63 4.20 -23.89 -38.04
CA THR B 63 4.86 -24.06 -39.34
C THR B 63 4.71 -22.73 -40.04
N GLU B 64 5.39 -22.47 -41.13
CA GLU B 64 5.25 -21.20 -41.87
C GLU B 64 3.84 -20.97 -42.43
N ALA B 65 3.11 -21.99 -42.80
CA ALA B 65 1.76 -21.98 -43.31
C ALA B 65 0.82 -21.51 -42.21
N GLU B 66 0.92 -22.07 -41.01
CA GLU B 66 0.09 -21.66 -39.87
C GLU B 66 0.32 -20.22 -39.44
N ARG B 67 1.56 -19.76 -39.47
CA ARG B 67 1.97 -18.40 -39.13
C ARG B 67 1.13 -17.44 -39.97
N GLU B 68 1.21 -17.62 -41.27
CA GLU B 68 0.51 -16.88 -42.30
C GLU B 68 -0.99 -16.93 -42.25
N LYS B 69 -1.58 -18.05 -41.88
CA LYS B 69 -3.02 -18.18 -41.72
C LYS B 69 -3.42 -17.30 -40.52
N ILE B 70 -2.82 -17.53 -39.36
CA ILE B 70 -3.04 -16.77 -38.14
C ILE B 70 -2.90 -15.26 -38.36
N LEU B 71 -1.85 -14.73 -38.91
CA LEU B 71 -1.62 -13.33 -39.19
C LEU B 71 -2.64 -12.66 -40.09
N GLY B 72 -3.07 -13.38 -41.12
CA GLY B 72 -4.06 -12.95 -42.09
C GLY B 72 -5.39 -12.75 -41.38
N ASP B 73 -5.84 -13.66 -40.53
CA ASP B 73 -7.09 -13.50 -39.81
C ASP B 73 -7.00 -12.29 -38.84
N PHE B 74 -5.86 -12.18 -38.17
CA PHE B 74 -5.52 -11.14 -37.22
C PHE B 74 -5.47 -9.78 -37.87
N ASN B 75 -4.84 -9.66 -39.03
CA ASN B 75 -4.76 -8.41 -39.79
C ASN B 75 -6.13 -7.95 -40.32
N GLN B 76 -7.02 -8.88 -40.63
CA GLN B 76 -8.37 -8.63 -41.11
C GLN B 76 -9.20 -7.91 -40.04
N ALA B 77 -9.15 -8.43 -38.84
CA ALA B 77 -9.78 -7.96 -37.60
C ALA B 77 -9.31 -6.56 -37.30
N LEU B 78 -8.00 -6.29 -37.38
CA LEU B 78 -7.39 -4.97 -37.23
C LEU B 78 -8.09 -4.06 -38.26
N LYS B 79 -8.06 -4.49 -39.53
CA LYS B 79 -8.69 -3.81 -40.65
C LYS B 79 -10.16 -3.50 -40.35
N ASP B 80 -10.94 -4.50 -40.05
CA ASP B 80 -12.36 -4.33 -39.72
C ASP B 80 -12.61 -3.38 -38.55
N THR B 81 -11.83 -3.38 -37.50
CA THR B 81 -12.00 -2.55 -36.33
C THR B 81 -11.30 -1.22 -36.35
N GLY B 82 -10.14 -1.12 -36.94
CA GLY B 82 -9.36 0.11 -36.93
C GLY B 82 -8.40 0.13 -35.72
N LEU B 83 -8.20 -0.94 -34.96
CA LEU B 83 -7.27 -0.96 -33.85
C LEU B 83 -5.81 -0.97 -34.34
N LYS B 84 -4.97 -0.20 -33.67
CA LYS B 84 -3.55 -0.20 -34.07
C LYS B 84 -2.90 -1.31 -33.22
N VAL B 85 -1.63 -1.54 -33.49
CA VAL B 85 -0.70 -2.45 -32.84
C VAL B 85 0.53 -1.54 -32.55
N PRO B 86 0.44 -0.85 -31.41
CA PRO B 86 1.46 0.08 -30.97
C PRO B 86 2.70 -0.56 -30.39
N MET B 87 2.64 -1.75 -29.86
CA MET B 87 3.84 -2.33 -29.25
C MET B 87 3.77 -3.83 -29.47
N VAL B 88 4.97 -4.41 -29.61
CA VAL B 88 5.12 -5.86 -29.82
C VAL B 88 6.21 -6.32 -28.83
N THR B 89 6.12 -7.56 -28.36
CA THR B 89 7.12 -8.10 -27.42
C THR B 89 7.35 -9.57 -27.69
N THR B 90 8.41 -10.15 -27.13
CA THR B 90 8.82 -11.51 -27.30
C THR B 90 8.76 -12.32 -26.02
N ASN B 91 8.25 -13.51 -26.18
CA ASN B 91 8.21 -14.44 -25.03
C ASN B 91 9.59 -15.14 -24.98
N LEU B 92 10.36 -14.78 -23.97
CA LEU B 92 11.65 -15.38 -23.67
C LEU B 92 11.59 -16.00 -22.25
N PHE B 93 10.42 -16.53 -21.90
CA PHE B 93 10.35 -17.04 -20.54
C PHE B 93 9.52 -18.31 -20.41
N SER B 94 8.64 -18.60 -21.34
CA SER B 94 7.75 -19.76 -21.21
C SER B 94 8.26 -21.15 -21.45
N HIS B 95 8.84 -21.35 -22.58
CA HIS B 95 9.38 -22.64 -23.01
C HIS B 95 10.51 -23.01 -22.09
N PRO B 96 10.63 -24.32 -21.74
CA PRO B 96 11.71 -24.84 -20.90
C PRO B 96 13.08 -24.46 -21.31
N VAL B 97 13.51 -24.16 -22.53
CA VAL B 97 14.79 -23.78 -22.95
C VAL B 97 15.26 -22.48 -22.30
N PHE B 98 14.40 -21.58 -21.92
CA PHE B 98 14.63 -20.31 -21.26
C PHE B 98 14.63 -20.43 -19.75
N LYS B 99 14.80 -21.60 -19.15
CA LYS B 99 14.86 -21.81 -17.72
C LYS B 99 15.99 -21.07 -17.02
N ASP B 100 17.09 -20.66 -17.65
CA ASP B 100 18.17 -19.88 -17.08
C ASP B 100 18.31 -18.51 -17.79
N GLY B 101 17.30 -18.16 -18.60
CA GLY B 101 17.31 -16.89 -19.32
C GLY B 101 17.33 -17.07 -20.82
N GLY B 102 17.26 -16.01 -21.52
CA GLY B 102 17.30 -15.85 -22.95
C GLY B 102 18.78 -15.36 -23.14
N PHE B 103 18.94 -14.05 -23.14
CA PHE B 103 20.13 -13.29 -23.32
C PHE B 103 21.26 -13.57 -22.35
N THR B 104 20.97 -13.91 -21.11
CA THR B 104 21.97 -14.18 -20.10
C THR B 104 21.96 -15.64 -19.70
N SER B 105 21.42 -16.56 -20.46
CA SER B 105 21.48 -17.98 -20.14
C SER B 105 22.96 -18.36 -20.03
N ASN B 106 23.36 -19.28 -19.16
CA ASN B 106 24.72 -19.77 -18.98
C ASN B 106 25.14 -20.50 -20.27
N ASP B 107 24.28 -21.22 -20.93
CA ASP B 107 24.41 -21.90 -22.17
C ASP B 107 24.49 -20.92 -23.36
N ARG B 108 25.62 -20.94 -24.08
CA ARG B 108 25.84 -20.14 -25.25
C ARG B 108 24.86 -20.40 -26.40
N SER B 109 24.50 -21.66 -26.64
CA SER B 109 23.60 -21.99 -27.75
C SER B 109 22.19 -21.48 -27.51
N ILE B 110 21.72 -21.42 -26.26
CA ILE B 110 20.42 -20.85 -25.88
C ILE B 110 20.46 -19.33 -26.05
N ARG B 111 21.59 -18.71 -25.70
CA ARG B 111 21.76 -17.26 -25.87
C ARG B 111 21.58 -16.86 -27.32
N ARG B 112 22.23 -17.59 -28.24
CA ARG B 112 22.11 -17.37 -29.72
C ARG B 112 20.67 -17.59 -30.21
N PHE B 113 20.00 -18.64 -29.75
CA PHE B 113 18.63 -18.95 -30.08
C PHE B 113 17.71 -17.83 -29.61
N ALA B 114 17.88 -17.32 -28.39
CA ALA B 114 17.08 -16.21 -27.83
C ALA B 114 17.25 -14.88 -28.60
N LEU B 115 18.46 -14.61 -29.06
CA LEU B 115 18.77 -13.43 -29.86
C LEU B 115 18.13 -13.56 -31.24
N ALA B 116 18.19 -14.74 -31.87
CA ALA B 116 17.59 -15.00 -33.19
C ALA B 116 16.10 -14.82 -33.12
N LYS B 117 15.48 -15.33 -32.02
CA LYS B 117 14.07 -15.22 -31.69
C LYS B 117 13.71 -13.73 -31.61
N VAL B 118 14.52 -12.90 -30.91
CA VAL B 118 14.28 -11.46 -30.84
C VAL B 118 14.42 -10.82 -32.23
N LEU B 119 15.45 -11.15 -33.01
CA LEU B 119 15.66 -10.55 -34.35
C LEU B 119 14.52 -10.81 -35.27
N HIS B 120 13.97 -11.98 -35.36
CA HIS B 120 12.80 -12.36 -36.14
C HIS B 120 11.62 -11.55 -35.71
N ASN B 121 11.41 -11.36 -34.41
CA ASN B 121 10.33 -10.60 -33.81
C ASN B 121 10.36 -9.09 -34.08
N ILE B 122 11.50 -8.49 -34.32
CA ILE B 122 11.70 -7.10 -34.72
C ILE B 122 11.11 -6.94 -36.13
N ASP B 123 11.37 -7.92 -37.00
CA ASP B 123 10.80 -7.94 -38.35
C ASP B 123 9.29 -8.00 -38.26
N LEU B 124 8.64 -8.81 -37.50
CA LEU B 124 7.19 -8.85 -37.37
C LEU B 124 6.70 -7.54 -36.76
N ALA B 125 7.38 -6.94 -35.81
CA ALA B 125 7.01 -5.69 -35.16
C ALA B 125 6.92 -4.50 -36.09
N ALA B 126 7.94 -4.38 -36.93
CA ALA B 126 8.16 -3.35 -37.96
C ALA B 126 7.01 -3.43 -38.95
N GLU B 127 6.77 -4.64 -39.44
CA GLU B 127 5.70 -5.02 -40.35
C GLU B 127 4.33 -4.73 -39.78
N MET B 128 4.03 -4.84 -38.49
CA MET B 128 2.72 -4.53 -37.92
C MET B 128 2.50 -3.06 -37.64
N GLY B 129 3.47 -2.21 -37.65
CA GLY B 129 3.31 -0.80 -37.37
C GLY B 129 3.54 -0.42 -35.94
N ALA B 130 4.15 -1.25 -35.13
CA ALA B 130 4.49 -0.98 -33.74
C ALA B 130 5.51 0.15 -33.74
N GLU B 131 5.53 1.01 -32.76
CA GLU B 131 6.52 2.08 -32.58
C GLU B 131 7.54 1.62 -31.52
N THR B 132 7.07 0.74 -30.62
CA THR B 132 7.84 0.21 -29.52
C THR B 132 7.91 -1.31 -29.53
N PHE B 133 9.10 -1.75 -29.18
CA PHE B 133 9.47 -3.17 -29.04
C PHE B 133 9.89 -3.34 -27.57
N VAL B 134 9.13 -4.12 -26.83
CA VAL B 134 9.43 -4.27 -25.39
C VAL B 134 10.10 -5.61 -25.16
N MET B 135 11.04 -5.56 -24.23
CA MET B 135 11.90 -6.59 -23.70
C MET B 135 11.79 -6.67 -22.16
N TRP B 136 11.21 -7.74 -21.73
CA TRP B 136 11.05 -8.05 -20.30
C TRP B 136 12.01 -9.24 -20.05
N GLY B 137 13.07 -9.11 -19.33
CA GLY B 137 14.02 -10.21 -19.05
C GLY B 137 13.61 -11.03 -17.84
N GLY B 138 12.46 -11.66 -17.81
CA GLY B 138 11.92 -12.45 -16.80
C GLY B 138 12.68 -13.62 -16.25
N ARG B 139 13.51 -14.28 -17.05
CA ARG B 139 14.31 -15.41 -16.64
C ARG B 139 15.81 -15.06 -16.47
N GLU B 140 16.17 -13.84 -16.65
CA GLU B 140 17.52 -13.34 -16.50
C GLU B 140 17.77 -12.99 -15.02
N GLY B 141 18.53 -13.86 -14.37
CA GLY B 141 18.82 -13.67 -12.95
C GLY B 141 19.17 -15.00 -12.31
N SER B 142 18.81 -15.19 -11.05
CA SER B 142 19.21 -16.42 -10.34
C SER B 142 18.51 -16.57 -8.98
N GLU B 143 18.67 -17.74 -8.41
CA GLU B 143 18.12 -18.04 -7.08
C GLU B 143 19.20 -18.00 -6.04
N TYR B 144 20.45 -18.31 -6.53
CA TYR B 144 21.68 -18.45 -5.74
C TYR B 144 22.71 -17.51 -6.31
N ASP B 145 23.54 -16.90 -5.47
CA ASP B 145 24.55 -15.90 -5.83
C ASP B 145 25.76 -16.43 -6.56
N GLY B 146 26.10 -17.69 -6.43
CA GLY B 146 27.21 -18.27 -7.11
C GLY B 146 26.95 -18.77 -8.50
N SER B 147 25.73 -18.78 -8.96
CA SER B 147 25.19 -19.24 -10.21
C SER B 147 25.67 -18.53 -11.43
N LYS B 148 25.98 -17.26 -11.35
CA LYS B 148 26.42 -16.36 -12.36
C LYS B 148 27.67 -15.56 -12.01
N ASP B 149 28.32 -15.13 -13.07
CA ASP B 149 29.45 -14.20 -13.05
C ASP B 149 28.63 -12.92 -13.37
N LEU B 150 28.48 -12.06 -12.42
CA LEU B 150 27.64 -10.83 -12.52
C LEU B 150 28.11 -9.86 -13.56
N ALA B 151 29.39 -9.65 -13.78
CA ALA B 151 29.98 -8.80 -14.81
C ALA B 151 29.69 -9.45 -16.15
N ALA B 152 29.90 -10.74 -16.39
CA ALA B 152 29.61 -11.46 -17.62
C ALA B 152 28.13 -11.43 -17.94
N ALA B 153 27.24 -11.53 -16.93
CA ALA B 153 25.77 -11.46 -17.15
C ALA B 153 25.39 -10.13 -17.80
N LEU B 154 25.89 -9.00 -17.31
CA LEU B 154 25.64 -7.66 -17.84
C LEU B 154 26.27 -7.47 -19.21
N ASP B 155 27.44 -8.01 -19.51
CA ASP B 155 28.06 -7.93 -20.85
C ASP B 155 27.17 -8.66 -21.88
N ARG B 156 26.70 -9.88 -21.46
CA ARG B 156 25.84 -10.66 -22.35
C ARG B 156 24.52 -9.94 -22.58
N MET B 157 23.95 -9.30 -21.52
CA MET B 157 22.72 -8.51 -21.61
C MET B 157 22.98 -7.35 -22.55
N ARG B 158 24.06 -6.59 -22.37
CA ARG B 158 24.41 -5.51 -23.29
C ARG B 158 24.51 -6.00 -24.74
N GLU B 159 25.24 -7.11 -24.94
CA GLU B 159 25.41 -7.69 -26.28
C GLU B 159 24.09 -7.99 -26.97
N GLY B 160 23.11 -8.55 -26.31
CA GLY B 160 21.84 -8.83 -26.91
C GLY B 160 21.10 -7.58 -27.29
N VAL B 161 21.00 -6.61 -26.39
CA VAL B 161 20.29 -5.35 -26.57
C VAL B 161 20.96 -4.53 -27.66
N ASP B 162 22.27 -4.43 -27.60
CA ASP B 162 23.02 -3.65 -28.64
C ASP B 162 22.87 -4.38 -29.97
N THR B 163 22.86 -5.70 -30.12
CA THR B 163 22.62 -6.30 -31.43
C THR B 163 21.24 -6.00 -31.92
N ALA B 164 20.19 -6.13 -31.06
CA ALA B 164 18.81 -5.82 -31.39
C ALA B 164 18.71 -4.36 -31.85
N ALA B 165 19.31 -3.41 -31.17
CA ALA B 165 19.28 -1.97 -31.51
C ALA B 165 20.02 -1.63 -32.80
N GLY B 166 21.18 -2.20 -33.06
CA GLY B 166 21.97 -2.03 -34.29
C GLY B 166 21.17 -2.53 -35.50
N TYR B 167 20.49 -3.66 -35.41
CA TYR B 167 19.64 -4.25 -36.42
C TYR B 167 18.51 -3.31 -36.77
N ILE B 168 17.82 -2.64 -35.85
CA ILE B 168 16.75 -1.68 -36.14
C ILE B 168 17.32 -0.55 -37.00
N LYS B 169 18.43 0.04 -36.56
CA LYS B 169 19.19 1.11 -37.16
C LYS B 169 19.59 0.69 -38.55
N ASP B 170 20.24 -0.45 -38.74
CA ASP B 170 20.61 -1.04 -40.02
C ASP B 170 19.45 -1.21 -40.98
N LYS B 171 18.27 -1.58 -40.57
CA LYS B 171 17.11 -1.74 -41.41
C LYS B 171 16.34 -0.47 -41.57
N GLY B 172 16.60 0.50 -40.74
CA GLY B 172 15.87 1.75 -40.74
C GLY B 172 14.44 1.50 -40.25
N TYR B 173 14.22 0.63 -39.24
CA TYR B 173 12.84 0.48 -38.79
C TYR B 173 12.60 1.71 -37.91
N ASN B 174 11.38 2.14 -37.84
CA ASN B 174 10.97 3.28 -37.01
C ASN B 174 10.44 2.67 -35.71
N LEU B 175 11.33 2.15 -34.88
CA LEU B 175 11.11 1.46 -33.66
C LEU B 175 12.11 1.81 -32.56
N ARG B 176 11.61 1.80 -31.35
CA ARG B 176 12.43 2.01 -30.16
C ARG B 176 12.29 0.77 -29.27
N ILE B 177 13.34 0.46 -28.54
CA ILE B 177 13.37 -0.64 -27.58
C ILE B 177 13.03 -0.07 -26.16
N ALA B 178 12.23 -0.78 -25.44
CA ALA B 178 11.91 -0.38 -24.06
C ALA B 178 12.19 -1.60 -23.16
N LEU B 179 12.90 -1.52 -22.08
CA LEU B 179 13.18 -2.55 -21.13
C LEU B 179 12.19 -2.46 -19.95
N GLU B 180 11.70 -3.64 -19.56
CA GLU B 180 10.82 -3.72 -18.44
C GLU B 180 11.55 -4.38 -17.27
N PRO B 181 11.68 -3.55 -16.23
CA PRO B 181 12.25 -3.95 -14.94
C PRO B 181 11.28 -4.75 -14.06
N LYS B 182 11.75 -5.68 -13.27
CA LYS B 182 11.08 -6.52 -12.32
C LYS B 182 12.19 -7.03 -11.36
N PRO B 183 11.95 -6.92 -10.05
CA PRO B 183 12.92 -7.27 -9.04
C PRO B 183 13.12 -8.75 -8.78
N ASN B 184 12.04 -9.51 -8.91
CA ASN B 184 11.97 -10.94 -8.75
C ASN B 184 10.66 -11.48 -9.38
N GLU B 185 10.57 -12.82 -9.41
CA GLU B 185 9.49 -13.64 -9.90
C GLU B 185 9.35 -13.59 -11.41
N PRO B 186 9.69 -14.66 -12.12
CA PRO B 186 10.03 -15.98 -11.62
C PRO B 186 11.38 -16.29 -11.06
N ARG B 187 12.38 -15.48 -11.32
CA ARG B 187 13.71 -15.69 -10.75
C ARG B 187 13.69 -15.15 -9.31
N GLY B 188 14.59 -15.68 -8.48
CA GLY B 188 14.73 -15.25 -7.09
C GLY B 188 15.14 -13.78 -7.06
N ASP B 189 16.06 -13.39 -7.91
CA ASP B 189 16.63 -12.10 -8.17
C ASP B 189 16.70 -11.95 -9.72
N ILE B 190 16.06 -10.93 -10.24
CA ILE B 190 16.08 -10.66 -11.69
C ILE B 190 17.11 -9.53 -11.95
N PHE B 191 17.86 -9.52 -12.99
CA PHE B 191 18.82 -8.47 -13.33
C PHE B 191 18.02 -7.24 -13.76
N LEU B 192 18.57 -6.05 -13.47
CA LEU B 192 17.94 -4.74 -13.75
C LEU B 192 16.62 -4.76 -13.00
N PRO B 193 16.60 -4.90 -11.68
CA PRO B 193 15.38 -5.04 -10.95
C PRO B 193 14.51 -3.86 -10.78
N THR B 194 14.91 -2.61 -10.96
CA THR B 194 14.05 -1.45 -10.75
C THR B 194 14.22 -0.46 -11.88
N VAL B 195 13.45 0.59 -11.91
CA VAL B 195 13.58 1.69 -12.94
C VAL B 195 15.00 2.23 -12.95
N GLY B 196 15.59 2.57 -11.81
CA GLY B 196 16.93 3.07 -11.66
C GLY B 196 17.99 2.20 -12.34
N HIS B 197 18.00 0.88 -12.09
CA HIS B 197 18.92 -0.12 -12.63
C HIS B 197 18.78 -0.24 -14.14
N GLY B 198 17.60 -0.19 -14.69
CA GLY B 198 17.34 -0.22 -16.12
C GLY B 198 17.93 1.05 -16.79
N LEU B 199 17.60 2.23 -16.23
CA LEU B 199 18.09 3.52 -16.64
C LEU B 199 19.62 3.54 -16.66
N ALA B 200 20.28 3.07 -15.58
CA ALA B 200 21.70 3.01 -15.43
C ALA B 200 22.31 2.14 -16.53
N PHE B 201 21.74 0.94 -16.74
CA PHE B 201 22.22 0.02 -17.79
C PHE B 201 22.20 0.59 -19.20
N ILE B 202 21.11 1.26 -19.58
CA ILE B 202 20.91 1.92 -20.87
C ILE B 202 22.09 2.84 -21.20
N GLU B 203 22.65 3.59 -20.28
CA GLU B 203 23.79 4.46 -20.42
C GLU B 203 25.09 3.75 -20.72
N GLN B 204 25.26 2.47 -20.62
CA GLN B 204 26.43 1.68 -20.89
C GLN B 204 26.37 1.02 -22.28
N LEU B 205 25.31 1.21 -23.00
CA LEU B 205 25.03 0.73 -24.30
C LEU B 205 25.62 1.59 -25.40
N GLU B 206 25.93 0.89 -26.48
CA GLU B 206 26.46 1.50 -27.72
C GLU B 206 25.29 2.20 -28.38
N HIS B 207 24.14 1.51 -28.47
CA HIS B 207 22.92 2.01 -29.08
C HIS B 207 21.85 2.49 -28.13
N GLY B 208 22.24 3.10 -27.02
CA GLY B 208 21.46 3.68 -25.97
C GLY B 208 20.43 4.68 -26.37
N ASP B 209 20.67 5.47 -27.41
CA ASP B 209 19.86 6.50 -28.01
C ASP B 209 18.46 6.01 -28.39
N ILE B 210 18.23 4.78 -28.74
CA ILE B 210 16.94 4.23 -29.08
C ILE B 210 16.41 3.23 -28.05
N VAL B 211 17.01 3.15 -26.87
CA VAL B 211 16.62 2.25 -25.78
C VAL B 211 16.14 3.10 -24.56
N GLY B 212 14.95 2.81 -24.09
CA GLY B 212 14.31 3.51 -22.99
C GLY B 212 13.68 2.47 -22.07
N LEU B 213 12.78 2.87 -21.22
CA LEU B 213 12.12 2.00 -20.31
C LEU B 213 10.61 1.83 -20.51
N ASN B 214 10.14 0.74 -19.87
CA ASN B 214 8.76 0.33 -19.81
C ASN B 214 8.44 -0.05 -18.33
N PRO B 215 8.27 0.96 -17.46
CA PRO B 215 7.96 0.74 -16.04
C PRO B 215 6.61 0.10 -15.92
N GLU B 216 6.40 -0.69 -14.91
CA GLU B 216 5.12 -1.34 -14.62
C GLU B 216 4.84 -1.04 -13.16
N THR B 217 3.69 -0.48 -12.81
CA THR B 217 3.24 -0.05 -11.49
C THR B 217 3.62 -0.99 -10.38
N GLY B 218 3.07 -2.20 -10.44
CA GLY B 218 3.19 -3.35 -9.63
C GLY B 218 4.60 -3.82 -9.32
N HIS B 219 5.46 -3.78 -10.30
CA HIS B 219 6.87 -4.18 -10.21
C HIS B 219 7.69 -3.28 -9.34
N GLU B 220 7.59 -1.95 -9.52
CA GLU B 220 8.33 -1.09 -8.58
C GLU B 220 7.79 -1.22 -7.17
N GLN B 221 6.50 -1.43 -6.94
CA GLN B 221 5.82 -1.63 -5.67
C GLN B 221 6.20 -2.92 -4.99
N MET B 222 6.76 -3.93 -5.66
CA MET B 222 7.29 -5.20 -5.16
C MET B 222 8.67 -4.95 -4.50
N ALA B 223 9.35 -3.82 -4.70
CA ALA B 223 10.56 -3.48 -4.03
C ALA B 223 10.27 -2.40 -2.98
N GLY B 224 9.02 -2.06 -2.77
CA GLY B 224 8.40 -1.05 -1.94
C GLY B 224 8.70 0.36 -2.40
N LEU B 225 8.99 0.60 -3.67
CA LEU B 225 9.37 1.91 -4.20
C LEU B 225 8.13 2.75 -4.59
N ASN B 226 8.39 4.06 -4.74
CA ASN B 226 7.28 4.99 -5.07
C ASN B 226 7.23 5.05 -6.59
N PHE B 227 6.13 4.58 -7.16
CA PHE B 227 6.00 4.49 -8.62
C PHE B 227 6.05 5.81 -9.31
N THR B 228 5.42 6.87 -8.78
CA THR B 228 5.42 8.24 -9.29
C THR B 228 6.82 8.80 -9.26
N HIS B 229 7.59 8.55 -8.20
CA HIS B 229 9.00 9.01 -8.17
C HIS B 229 9.86 8.38 -9.26
N GLY B 230 9.65 7.06 -9.42
CA GLY B 230 10.37 6.27 -10.45
C GLY B 230 10.03 6.67 -11.85
N ILE B 231 8.73 6.88 -12.18
CA ILE B 231 8.39 7.33 -13.54
C ILE B 231 8.84 8.77 -13.75
N ALA B 232 8.86 9.62 -12.74
CA ALA B 232 9.34 10.99 -12.76
C ALA B 232 10.78 11.05 -13.23
N GLN B 233 11.66 10.19 -12.71
CA GLN B 233 13.07 10.05 -13.05
C GLN B 233 13.28 9.53 -14.47
N ALA B 234 12.40 8.60 -14.91
CA ALA B 234 12.49 8.07 -16.29
C ALA B 234 12.14 9.24 -17.23
N LEU B 235 11.08 10.00 -16.96
CA LEU B 235 10.64 11.17 -17.72
C LEU B 235 11.73 12.25 -17.84
N TRP B 236 12.19 12.59 -16.65
CA TRP B 236 13.27 13.54 -16.41
C TRP B 236 14.46 13.21 -17.32
N ALA B 237 14.91 11.98 -17.42
CA ALA B 237 15.96 11.46 -18.25
C ALA B 237 15.61 11.23 -19.70
N GLU B 238 14.37 11.39 -20.09
CA GLU B 238 13.66 11.24 -21.34
C GLU B 238 13.74 9.88 -21.93
N LYS B 239 13.42 8.94 -20.99
CA LYS B 239 13.53 7.50 -21.22
C LYS B 239 12.24 6.78 -20.98
N LEU B 240 11.14 7.48 -20.76
CA LEU B 240 9.82 6.84 -20.53
C LEU B 240 9.15 6.62 -21.89
N PHE B 241 9.45 5.52 -22.53
CA PHE B 241 9.02 5.12 -23.85
C PHE B 241 7.68 4.43 -23.88
N HIS B 242 7.35 3.70 -22.82
CA HIS B 242 6.03 3.03 -22.79
C HIS B 242 5.80 2.85 -21.33
N ILE B 243 4.63 2.38 -20.98
CA ILE B 243 4.24 2.12 -19.59
C ILE B 243 3.17 1.02 -19.47
N ASP B 244 3.25 0.30 -18.36
CA ASP B 244 2.28 -0.75 -18.04
C ASP B 244 1.64 -0.25 -16.72
N LEU B 245 0.35 -0.11 -16.72
CA LEU B 245 -0.48 0.30 -15.59
C LEU B 245 -1.31 -0.88 -15.09
N ASN B 246 -1.29 -1.09 -13.79
CA ASN B 246 -1.99 -2.18 -13.07
C ASN B 246 -1.98 -1.84 -11.57
N GLY B 247 -2.35 -2.78 -10.72
CA GLY B 247 -2.43 -2.60 -9.27
C GLY B 247 -1.71 -3.74 -8.55
N GLN B 248 -1.26 -3.43 -7.35
CA GLN B 248 -0.50 -4.35 -6.50
C GLN B 248 -0.77 -3.92 -5.08
N ARG B 249 -1.10 -4.86 -4.20
CA ARG B 249 -1.36 -4.45 -2.80
C ARG B 249 -0.17 -4.95 -2.03
N GLY B 250 0.95 -4.31 -1.82
CA GLY B 250 2.03 -4.86 -1.06
C GLY B 250 3.11 -5.57 -1.82
N ILE B 251 4.12 -5.89 -1.03
CA ILE B 251 5.32 -6.63 -1.45
C ILE B 251 4.94 -8.10 -1.26
N LYS B 252 4.70 -8.71 -2.40
CA LYS B 252 4.29 -10.13 -2.47
C LYS B 252 4.39 -10.48 -3.94
N TYR B 253 3.89 -11.59 -4.37
CA TYR B 253 3.88 -12.05 -5.77
C TYR B 253 3.30 -10.97 -6.69
N ASP B 254 3.72 -11.00 -7.93
CA ASP B 254 3.18 -10.01 -8.93
C ASP B 254 1.64 -10.26 -9.09
N GLN B 255 0.82 -9.34 -8.60
CA GLN B 255 -0.63 -9.48 -8.69
C GLN B 255 -1.23 -9.06 -10.01
N ASP B 256 -0.84 -8.00 -10.67
CA ASP B 256 -1.35 -7.44 -11.91
C ASP B 256 -2.86 -7.20 -11.81
N LEU B 257 -3.26 -6.49 -10.78
CA LEU B 257 -4.67 -6.19 -10.55
C LEU B 257 -5.03 -5.06 -11.54
N VAL B 258 -6.32 -4.77 -11.58
CA VAL B 258 -6.79 -3.67 -12.44
C VAL B 258 -6.11 -2.37 -11.96
N PHE B 259 -5.77 -1.48 -12.87
CA PHE B 259 -5.24 -0.20 -12.41
C PHE B 259 -6.24 0.53 -11.51
N GLY B 260 -5.85 0.92 -10.30
CA GLY B 260 -6.60 1.61 -9.30
C GLY B 260 -7.07 0.70 -8.18
N HIS B 261 -6.92 -0.62 -8.37
CA HIS B 261 -7.32 -1.64 -7.40
C HIS B 261 -6.17 -2.05 -6.47
N GLY B 262 -5.01 -1.45 -6.54
CA GLY B 262 -3.87 -1.57 -5.71
C GLY B 262 -3.88 -0.32 -4.78
N ASP B 263 -2.79 0.40 -4.78
CA ASP B 263 -2.52 1.62 -4.03
C ASP B 263 -3.17 2.79 -4.78
N LEU B 264 -4.36 3.10 -4.26
CA LEU B 264 -5.22 4.15 -4.82
C LEU B 264 -4.68 5.57 -4.80
N THR B 265 -4.09 5.99 -3.73
CA THR B 265 -3.51 7.33 -3.64
C THR B 265 -2.41 7.48 -4.64
N SER B 266 -1.51 6.50 -4.77
CA SER B 266 -0.41 6.41 -5.70
C SER B 266 -0.88 6.40 -7.13
N ALA B 267 -1.93 5.67 -7.46
CA ALA B 267 -2.58 5.60 -8.77
C ALA B 267 -3.02 7.03 -9.17
N PHE B 268 -3.68 7.75 -8.26
CA PHE B 268 -4.07 9.14 -8.45
C PHE B 268 -2.94 10.05 -8.85
N PHE B 269 -1.80 10.03 -8.20
CA PHE B 269 -0.61 10.84 -8.46
C PHE B 269 0.15 10.38 -9.69
N THR B 270 0.00 9.15 -10.12
CA THR B 270 0.55 8.61 -11.36
C THR B 270 -0.26 9.22 -12.53
N VAL B 271 -1.57 9.30 -12.39
CA VAL B 271 -2.49 9.90 -13.37
C VAL B 271 -2.21 11.41 -13.49
N ASP B 272 -2.01 12.09 -12.39
CA ASP B 272 -1.63 13.48 -12.36
C ASP B 272 -0.31 13.62 -13.06
N LEU B 273 0.74 12.87 -12.91
CA LEU B 273 1.96 13.09 -13.66
C LEU B 273 1.75 12.75 -15.14
N LEU B 274 1.04 11.70 -15.51
CA LEU B 274 0.87 11.33 -16.91
C LEU B 274 0.02 12.35 -17.69
N GLU B 275 -1.08 12.77 -17.12
CA GLU B 275 -1.97 13.74 -17.74
C GLU B 275 -1.51 15.16 -17.68
N ASN B 276 -1.25 15.67 -16.49
CA ASN B 276 -0.84 16.98 -16.12
C ASN B 276 0.65 17.23 -16.17
N GLY B 277 1.54 16.29 -15.96
CA GLY B 277 2.99 16.68 -16.03
C GLY B 277 3.39 17.34 -14.74
N PHE B 278 4.43 18.14 -14.75
CA PHE B 278 4.99 18.85 -13.60
C PHE B 278 4.45 20.22 -13.32
N PRO B 279 4.20 20.60 -12.04
CA PRO B 279 3.74 21.94 -11.62
C PRO B 279 4.54 23.11 -12.11
N ASN B 280 5.83 23.07 -12.27
CA ASN B 280 6.66 24.13 -12.78
C ASN B 280 6.86 23.90 -14.29
N GLY B 281 6.25 22.92 -14.94
CA GLY B 281 6.43 22.67 -16.35
C GLY B 281 7.63 21.78 -16.56
N GLY B 282 7.74 21.14 -17.70
CA GLY B 282 8.86 20.24 -18.00
C GLY B 282 8.30 19.19 -18.97
N PRO B 283 8.95 18.02 -18.95
CA PRO B 283 8.58 16.91 -19.83
C PRO B 283 7.20 16.38 -19.59
N LYS B 284 6.67 15.73 -20.62
CA LYS B 284 5.36 15.11 -20.68
C LYS B 284 5.48 13.77 -21.42
N TYR B 285 4.80 12.76 -20.95
CA TYR B 285 4.76 11.46 -21.54
C TYR B 285 3.57 11.52 -22.50
N THR B 286 3.81 11.16 -23.70
CA THR B 286 2.73 11.17 -24.72
C THR B 286 2.38 9.86 -25.31
N GLY B 287 2.81 8.73 -24.85
CA GLY B 287 2.55 7.44 -25.44
C GLY B 287 1.27 6.83 -25.02
N PRO B 288 1.12 5.56 -25.36
CA PRO B 288 -0.09 4.82 -24.98
C PRO B 288 -0.11 4.57 -23.47
N ARG B 289 -1.32 4.45 -23.01
CA ARG B 289 -1.70 4.16 -21.64
C ARG B 289 -2.01 2.65 -21.75
N HIS B 290 -0.99 1.84 -21.54
CA HIS B 290 -1.14 0.39 -21.69
C HIS B 290 -1.47 -0.27 -20.37
N PHE B 291 -2.44 -1.16 -20.41
CA PHE B 291 -2.79 -1.88 -19.16
C PHE B 291 -2.20 -3.30 -19.14
N ASP B 292 -1.32 -3.63 -18.22
CA ASP B 292 -0.80 -5.01 -18.15
C ASP B 292 -1.38 -5.64 -16.84
N TYR B 293 -2.52 -6.27 -16.94
CA TYR B 293 -3.18 -6.84 -15.81
C TYR B 293 -3.72 -8.24 -16.05
N LYS B 294 -4.29 -8.84 -15.01
CA LYS B 294 -4.86 -10.16 -15.19
C LYS B 294 -6.20 -10.17 -14.47
N PRO B 295 -7.24 -10.57 -15.20
CA PRO B 295 -8.59 -10.62 -14.55
C PRO B 295 -8.54 -11.78 -13.57
N SER B 296 -8.89 -11.55 -12.33
CA SER B 296 -8.91 -12.54 -11.23
C SER B 296 -9.58 -13.80 -11.73
N ARG B 297 -8.98 -14.93 -11.37
CA ARG B 297 -9.33 -16.30 -11.78
C ARG B 297 -10.63 -16.80 -11.24
N THR B 298 -11.19 -16.25 -10.21
CA THR B 298 -12.48 -16.51 -9.60
C THR B 298 -13.64 -16.09 -10.50
N ASP B 299 -13.47 -15.13 -11.38
CA ASP B 299 -14.44 -14.58 -12.30
C ASP B 299 -14.44 -15.24 -13.67
N GLY B 300 -15.60 -15.17 -14.30
CA GLY B 300 -15.79 -15.71 -15.66
C GLY B 300 -15.51 -14.64 -16.68
N TYR B 301 -15.93 -14.95 -17.92
CA TYR B 301 -15.79 -14.06 -19.06
C TYR B 301 -16.52 -12.77 -18.87
N ASP B 302 -17.65 -12.68 -18.21
CA ASP B 302 -18.33 -11.40 -17.92
C ASP B 302 -17.42 -10.57 -17.02
N GLY B 303 -16.72 -11.13 -16.07
CA GLY B 303 -15.71 -10.48 -15.25
C GLY B 303 -14.52 -10.05 -16.11
N VAL B 304 -14.01 -10.79 -17.08
CA VAL B 304 -12.92 -10.41 -17.96
C VAL B 304 -13.27 -9.08 -18.60
N TRP B 305 -14.38 -9.01 -19.33
CA TRP B 305 -14.84 -7.75 -19.99
C TRP B 305 -15.18 -6.67 -18.99
N ASP B 306 -15.71 -6.91 -17.81
CA ASP B 306 -15.94 -5.94 -16.74
C ASP B 306 -14.59 -5.30 -16.33
N SER B 307 -13.56 -6.14 -16.15
CA SER B 307 -12.21 -5.73 -15.76
C SER B 307 -11.52 -4.89 -16.80
N ALA B 308 -11.70 -5.09 -18.09
CA ALA B 308 -11.11 -4.28 -19.18
C ALA B 308 -11.75 -2.90 -19.09
N LYS B 309 -13.07 -2.81 -18.91
CA LYS B 309 -13.85 -1.58 -18.74
C LYS B 309 -13.34 -0.80 -17.53
N ALA B 310 -13.23 -1.47 -16.41
CA ALA B 310 -12.76 -1.08 -15.09
C ALA B 310 -11.40 -0.43 -15.23
N ASN B 311 -10.43 -0.89 -15.96
CA ASN B 311 -9.16 -0.22 -16.16
C ASN B 311 -9.34 1.21 -16.68
N MET B 312 -10.13 1.38 -17.73
CA MET B 312 -10.45 2.59 -18.46
C MET B 312 -11.28 3.55 -17.61
N SER B 313 -12.27 3.11 -16.88
CA SER B 313 -13.08 3.91 -15.97
C SER B 313 -12.24 4.48 -14.83
N MET B 314 -11.41 3.68 -14.19
CA MET B 314 -10.52 4.02 -13.11
C MET B 314 -9.62 5.18 -13.51
N TYR B 315 -8.97 4.99 -14.68
CA TYR B 315 -8.10 6.03 -15.23
C TYR B 315 -8.85 7.34 -15.52
N LEU B 316 -10.06 7.27 -16.08
CA LEU B 316 -10.87 8.45 -16.43
C LEU B 316 -11.38 9.07 -15.12
N LEU B 317 -11.88 8.33 -14.17
CA LEU B 317 -12.33 8.88 -12.88
C LEU B 317 -11.20 9.66 -12.20
N LEU B 318 -10.02 9.09 -12.07
CA LEU B 318 -8.85 9.68 -11.47
C LEU B 318 -8.38 10.90 -12.23
N LYS B 319 -8.41 10.88 -13.54
CA LYS B 319 -8.08 11.98 -14.45
C LYS B 319 -8.90 13.26 -14.19
N GLU B 320 -10.19 13.11 -13.98
CA GLU B 320 -11.19 14.11 -13.64
C GLU B 320 -10.83 14.83 -12.33
N ARG B 321 -10.63 14.03 -11.29
CA ARG B 321 -10.18 14.37 -9.96
C ARG B 321 -8.82 15.04 -9.94
N ALA B 322 -7.85 14.59 -10.69
CA ALA B 322 -6.53 15.18 -10.81
C ALA B 322 -6.64 16.57 -11.45
N LEU B 323 -7.52 16.77 -12.45
CA LEU B 323 -7.79 18.01 -13.14
C LEU B 323 -8.44 19.03 -12.20
N ALA B 324 -9.45 18.54 -11.50
CA ALA B 324 -10.15 19.40 -10.55
C ALA B 324 -9.20 19.81 -9.43
N PHE B 325 -8.39 18.91 -8.96
CA PHE B 325 -7.43 19.17 -7.90
C PHE B 325 -6.47 20.27 -8.27
N ARG B 326 -5.84 20.20 -9.39
CA ARG B 326 -4.85 21.20 -9.80
C ARG B 326 -5.41 22.54 -10.20
N ALA B 327 -6.67 22.57 -10.64
CA ALA B 327 -7.40 23.71 -11.09
C ALA B 327 -7.90 24.49 -9.90
N ASP B 328 -8.05 23.88 -8.76
CA ASP B 328 -8.53 24.48 -7.53
C ASP B 328 -7.59 25.54 -7.01
N PRO B 329 -8.20 26.73 -6.83
CA PRO B 329 -7.50 27.92 -6.34
C PRO B 329 -6.98 27.75 -4.93
N GLU B 330 -7.69 27.03 -4.07
CA GLU B 330 -7.22 26.72 -2.70
C GLU B 330 -5.99 25.82 -2.79
N VAL B 331 -5.97 24.85 -3.74
CA VAL B 331 -4.83 23.95 -3.94
C VAL B 331 -3.62 24.71 -4.45
N GLN B 332 -3.83 25.60 -5.38
CA GLN B 332 -2.77 26.41 -5.98
C GLN B 332 -2.12 27.26 -4.90
N GLU B 333 -2.91 27.91 -4.06
CA GLU B 333 -2.50 28.72 -2.89
C GLU B 333 -1.79 27.80 -1.89
N ALA B 334 -2.31 26.61 -1.49
CA ALA B 334 -1.67 25.62 -0.63
C ALA B 334 -0.31 25.24 -1.23
N MET B 335 -0.14 25.02 -2.54
CA MET B 335 1.07 24.72 -3.26
C MET B 335 2.17 25.75 -3.14
N LYS B 336 1.76 27.01 -3.18
CA LYS B 336 2.54 28.22 -3.06
C LYS B 336 3.15 28.31 -1.66
N THR B 337 2.34 28.10 -0.63
CA THR B 337 2.68 28.08 0.79
C THR B 337 3.75 27.04 1.10
N SER B 338 3.61 25.83 0.56
CA SER B 338 4.51 24.71 0.71
C SER B 338 5.82 24.82 -0.07
N GLY B 339 6.05 25.82 -0.90
CA GLY B 339 7.24 25.97 -1.66
C GLY B 339 7.31 25.13 -2.92
N VAL B 340 6.20 24.59 -3.43
CA VAL B 340 6.20 23.78 -4.64
C VAL B 340 6.79 24.49 -5.84
N PHE B 341 6.45 25.74 -6.06
CA PHE B 341 6.90 26.61 -7.14
C PHE B 341 8.27 27.09 -6.74
N GLU B 342 8.54 27.35 -5.48
CA GLU B 342 9.91 27.84 -5.06
C GLU B 342 11.00 26.84 -5.33
N LEU B 343 10.71 25.53 -5.25
CA LEU B 343 11.63 24.49 -5.68
C LEU B 343 12.12 24.64 -7.13
N GLY B 344 11.37 25.17 -8.09
CA GLY B 344 11.62 25.45 -9.43
C GLY B 344 12.65 26.54 -9.68
N GLU B 345 13.00 27.38 -8.76
CA GLU B 345 14.00 28.43 -8.91
C GLU B 345 15.39 27.85 -8.67
N THR B 346 16.37 28.22 -9.47
CA THR B 346 17.71 27.67 -9.27
C THR B 346 18.18 28.16 -7.91
N THR B 347 19.05 27.39 -7.30
CA THR B 347 19.65 27.72 -6.00
C THR B 347 20.60 28.90 -6.13
N LEU B 348 21.42 28.88 -7.17
CA LEU B 348 22.41 29.91 -7.45
C LEU B 348 21.76 31.02 -8.28
N ASN B 349 22.29 32.22 -8.13
CA ASN B 349 21.75 33.34 -8.97
C ASN B 349 22.54 33.27 -10.30
N ALA B 350 21.92 33.84 -11.31
CA ALA B 350 22.49 33.92 -12.70
C ALA B 350 23.90 34.46 -12.53
N GLY B 351 24.86 33.77 -13.12
CA GLY B 351 26.24 34.16 -12.93
C GLY B 351 26.91 33.81 -11.64
N GLU B 352 26.33 33.58 -10.52
CA GLU B 352 27.02 33.24 -9.27
C GLU B 352 27.82 31.96 -9.39
N SER B 353 28.94 31.90 -8.70
CA SER B 353 29.82 30.75 -8.66
C SER B 353 29.79 30.17 -7.25
N ALA B 354 30.33 28.96 -7.14
CA ALA B 354 30.49 28.21 -5.90
C ALA B 354 31.25 29.12 -4.93
N ALA B 355 32.40 29.69 -5.37
CA ALA B 355 33.18 30.65 -4.58
C ALA B 355 32.30 31.86 -4.23
N ASP B 356 31.50 32.43 -5.11
CA ASP B 356 30.60 33.52 -4.71
C ASP B 356 29.63 33.09 -3.60
N LEU B 357 28.94 31.95 -3.72
CA LEU B 357 28.01 31.46 -2.73
C LEU B 357 28.64 31.25 -1.36
N MET B 358 29.82 30.69 -1.27
CA MET B 358 30.60 30.38 -0.11
C MET B 358 30.84 31.58 0.81
N ASN B 359 31.34 32.63 0.20
CA ASN B 359 31.71 33.87 0.86
C ASN B 359 30.56 34.84 0.98
N ASP B 360 29.42 34.60 0.37
CA ASP B 360 28.21 35.40 0.62
C ASP B 360 27.91 35.11 2.10
N SER B 361 28.01 36.03 3.01
CA SER B 361 27.78 35.90 4.44
C SER B 361 26.34 35.67 4.82
N ALA B 362 25.41 36.08 3.99
CA ALA B 362 23.99 35.96 4.09
C ALA B 362 23.52 34.55 3.71
N SER B 363 24.29 33.76 3.01
CA SER B 363 23.89 32.41 2.65
C SER B 363 24.51 31.39 3.59
N PHE B 364 25.47 31.81 4.40
CA PHE B 364 26.14 30.87 5.30
C PHE B 364 26.53 31.39 6.66
N ALA B 365 27.59 32.22 6.69
CA ALA B 365 28.17 32.78 7.89
C ALA B 365 27.17 33.53 8.76
N GLY B 366 26.31 34.36 8.21
CA GLY B 366 25.32 35.09 8.99
C GLY B 366 23.90 34.70 8.70
N PHE B 367 23.71 33.40 8.44
CA PHE B 367 22.39 32.83 8.14
C PHE B 367 21.76 32.36 9.44
N ASP B 368 20.51 32.73 9.56
CA ASP B 368 19.88 32.27 10.83
C ASP B 368 19.13 30.99 10.50
N ALA B 369 19.79 29.89 10.78
CA ALA B 369 19.35 28.49 10.59
C ALA B 369 18.19 28.24 11.55
N GLU B 370 18.26 28.73 12.79
CA GLU B 370 17.17 28.61 13.76
C GLU B 370 15.97 29.34 13.21
N ALA B 371 16.06 30.58 12.71
CA ALA B 371 14.86 31.22 12.14
C ALA B 371 14.29 30.49 10.93
N ALA B 372 15.10 30.07 9.95
CA ALA B 372 14.67 29.35 8.73
C ALA B 372 13.94 28.09 9.06
N ALA B 373 14.28 27.31 10.11
CA ALA B 373 13.68 26.08 10.62
C ALA B 373 12.26 26.21 11.09
N GLU B 374 11.74 27.40 11.32
CA GLU B 374 10.40 27.65 11.83
C GLU B 374 9.34 27.55 10.77
N ARG B 375 9.71 27.68 9.51
CA ARG B 375 8.77 27.56 8.41
C ARG B 375 7.87 26.36 8.56
N ASN B 376 6.60 26.66 8.43
CA ASN B 376 5.56 25.63 8.44
C ASN B 376 5.52 25.22 6.96
N PHE B 377 6.02 24.03 6.51
CA PHE B 377 5.84 23.72 5.06
C PHE B 377 4.38 23.37 4.75
N ALA B 378 3.54 22.98 5.73
CA ALA B 378 2.13 22.71 5.49
C ALA B 378 1.87 21.60 4.48
N PHE B 379 2.71 20.55 4.50
CA PHE B 379 2.61 19.38 3.65
C PHE B 379 1.42 18.50 4.07
N ILE B 380 0.99 18.37 5.28
CA ILE B 380 -0.13 17.57 5.69
C ILE B 380 -1.39 18.18 5.09
N ARG B 381 -1.59 19.47 5.27
CA ARG B 381 -2.67 20.26 4.70
C ARG B 381 -2.74 20.11 3.16
N LEU B 382 -1.68 20.23 2.40
CA LEU B 382 -1.62 20.00 0.98
C LEU B 382 -1.98 18.53 0.68
N ASN B 383 -1.55 17.51 1.47
CA ASN B 383 -1.96 16.15 1.19
C ASN B 383 -3.45 15.98 1.46
N GLN B 384 -4.05 16.51 2.49
CA GLN B 384 -5.44 16.47 2.81
C GLN B 384 -6.29 17.02 1.67
N LEU B 385 -5.91 18.12 1.00
CA LEU B 385 -6.59 18.75 -0.12
C LEU B 385 -6.57 17.77 -1.28
N ALA B 386 -5.48 17.04 -1.56
CA ALA B 386 -5.45 16.06 -2.65
C ALA B 386 -6.46 14.95 -2.40
N ILE B 387 -6.49 14.41 -1.19
CA ILE B 387 -7.37 13.32 -0.72
C ILE B 387 -8.82 13.73 -0.84
N GLU B 388 -9.18 14.93 -0.41
CA GLU B 388 -10.56 15.43 -0.55
C GLU B 388 -10.97 15.55 -2.01
N HIS B 389 -10.12 15.94 -2.94
CA HIS B 389 -10.35 15.99 -4.38
C HIS B 389 -10.52 14.58 -4.92
N LEU B 390 -9.64 13.68 -4.51
CA LEU B 390 -9.73 12.25 -4.84
C LEU B 390 -11.02 11.60 -4.36
N LEU B 391 -11.60 11.92 -3.19
CA LEU B 391 -12.83 11.37 -2.65
C LEU B 391 -14.04 12.02 -3.27
N GLY B 392 -13.91 13.00 -4.14
CA GLY B 392 -14.81 13.79 -4.88
C GLY B 392 -15.66 14.61 -3.89
N SER B 393 -14.96 15.13 -2.91
CA SER B 393 -15.51 15.85 -1.80
C SER B 393 -15.39 17.32 -1.99
N ARG B 394 -14.60 17.81 -2.92
CA ARG B 394 -14.46 19.25 -3.16
C ARG B 394 -15.17 19.69 -4.44
C1 DIG C . -1.86 3.36 22.58
O1 DIG C . -2.71 4.12 21.96
C2 DIG C . -0.37 3.72 22.61
C3 DIG C . 0.44 2.55 23.26
O3 DIG C . -0.09 1.27 22.91
C4 DIG C . 1.83 2.78 22.77
O4 DIG C . 2.72 3.04 23.81
C5 DIG C . 1.74 3.80 21.65
C6 DIG C . 2.55 3.42 20.43
O6 DIG C . 1.97 2.67 19.49
N5 DIG C . 0.33 3.84 21.34
MN MN D . 2.89 3.24 15.29
MN MN E . -0.35 2.83 19.16
C1 DIG F . 4.82 -5.24 -21.56
O1 DIG F . 3.62 -4.77 -21.81
C2 DIG F . 4.95 -6.75 -21.41
C3 DIG F . 6.38 -7.27 -21.36
O3 DIG F . 7.33 -6.33 -20.92
C4 DIG F . 6.29 -8.44 -20.40
O4 DIG F . 6.76 -9.56 -21.00
C5 DIG F . 4.95 -8.42 -19.78
C6 DIG F . 4.85 -8.69 -18.31
O6 DIG F . 5.52 -7.90 -17.41
N5 DIG F . 4.40 -7.15 -20.18
MN MN G . 3.42 -7.82 -13.48
MN MN H . 4.44 -5.78 -18.02
#